data_1RH4
# 
_entry.id   1RH4 
# 
_audit_conform.dict_name       mmcif_pdbx.dic 
_audit_conform.dict_version    5.399 
_audit_conform.dict_location   http://mmcif.pdb.org/dictionaries/ascii/mmcif_pdbx.dic 
# 
loop_
_database_2.database_id 
_database_2.database_code 
_database_2.pdbx_database_accession 
_database_2.pdbx_DOI 
PDB   1RH4         pdb_00001rh4 10.2210/pdb1rh4/pdb 
WWPDB D_1000176083 ?            ?                   
# 
loop_
_pdbx_audit_revision_history.ordinal 
_pdbx_audit_revision_history.data_content_type 
_pdbx_audit_revision_history.major_revision 
_pdbx_audit_revision_history.minor_revision 
_pdbx_audit_revision_history.revision_date 
1 'Structure model' 1 0 1998-12-02 
2 'Structure model' 1 1 2008-03-24 
3 'Structure model' 1 2 2011-07-13 
4 'Structure model' 1 3 2024-04-03 
5 'Structure model' 1 4 2024-11-20 
# 
_pdbx_audit_revision_details.ordinal             1 
_pdbx_audit_revision_details.revision_ordinal    1 
_pdbx_audit_revision_details.data_content_type   'Structure model' 
_pdbx_audit_revision_details.provider            repository 
_pdbx_audit_revision_details.type                'Initial release' 
_pdbx_audit_revision_details.description         ? 
_pdbx_audit_revision_details.details             ? 
# 
loop_
_pdbx_audit_revision_group.ordinal 
_pdbx_audit_revision_group.revision_ordinal 
_pdbx_audit_revision_group.data_content_type 
_pdbx_audit_revision_group.group 
1 2 'Structure model' 'Version format compliance' 
2 3 'Structure model' 'Derived calculations'      
3 3 'Structure model' 'Version format compliance' 
4 4 'Structure model' 'Data collection'           
5 4 'Structure model' 'Database references'       
6 4 'Structure model' 'Derived calculations'      
7 4 'Structure model' Other                       
8 4 'Structure model' 'Refinement description'    
9 5 'Structure model' 'Structure summary'         
# 
loop_
_pdbx_audit_revision_category.ordinal 
_pdbx_audit_revision_category.revision_ordinal 
_pdbx_audit_revision_category.data_content_type 
_pdbx_audit_revision_category.category 
1 4 'Structure model' chem_comp_atom                
2 4 'Structure model' chem_comp_bond                
3 4 'Structure model' database_2                    
4 4 'Structure model' pdbx_database_status          
5 4 'Structure model' pdbx_initial_refinement_model 
6 4 'Structure model' struct_conn                   
7 4 'Structure model' struct_site                   
8 5 'Structure model' pdbx_entry_details            
9 5 'Structure model' pdbx_modification_feature     
# 
loop_
_pdbx_audit_revision_item.ordinal 
_pdbx_audit_revision_item.revision_ordinal 
_pdbx_audit_revision_item.data_content_type 
_pdbx_audit_revision_item.item 
1  4 'Structure model' '_database_2.pdbx_DOI'                
2  4 'Structure model' '_database_2.pdbx_database_accession' 
3  4 'Structure model' '_pdbx_database_status.process_site'  
4  4 'Structure model' '_struct_conn.pdbx_leaving_atom_flag' 
5  4 'Structure model' '_struct_conn.ptnr1_auth_comp_id'     
6  4 'Structure model' '_struct_conn.ptnr1_auth_seq_id'      
7  4 'Structure model' '_struct_conn.ptnr1_label_atom_id'    
8  4 'Structure model' '_struct_conn.ptnr1_label_comp_id'    
9  4 'Structure model' '_struct_conn.ptnr1_label_seq_id'     
10 4 'Structure model' '_struct_conn.ptnr2_auth_comp_id'     
11 4 'Structure model' '_struct_conn.ptnr2_auth_seq_id'      
12 4 'Structure model' '_struct_conn.ptnr2_label_atom_id'    
13 4 'Structure model' '_struct_conn.ptnr2_label_comp_id'    
14 4 'Structure model' '_struct_conn.ptnr2_label_seq_id'     
15 4 'Structure model' '_struct_site.pdbx_auth_asym_id'      
16 4 'Structure model' '_struct_site.pdbx_auth_comp_id'      
17 4 'Structure model' '_struct_site.pdbx_auth_seq_id'       
# 
_pdbx_database_status.status_code                     REL 
_pdbx_database_status.entry_id                        1RH4 
_pdbx_database_status.recvd_initial_deposition_date   1998-10-07 
_pdbx_database_status.deposit_site                    ? 
_pdbx_database_status.process_site                    BNL 
_pdbx_database_status.SG_entry                        . 
_pdbx_database_status.pdb_format_compatible           Y 
_pdbx_database_status.status_code_mr                  ? 
_pdbx_database_status.status_code_sf                  ? 
_pdbx_database_status.status_code_cs                  ? 
_pdbx_database_status.status_code_nmr_data            ? 
_pdbx_database_status.methods_development_category    ? 
# 
loop_
_audit_author.name 
_audit_author.pdbx_ordinal 
'Harbury, P.B.' 1 
'Plecs, J.J.'   2 
'Tidor, B.'     3 
'Alber, T.'     4 
'Kim, P.S.'     5 
# 
loop_
_citation.id 
_citation.title 
_citation.journal_abbrev 
_citation.journal_volume 
_citation.page_first 
_citation.page_last 
_citation.year 
_citation.journal_id_ASTM 
_citation.country 
_citation.journal_id_ISSN 
_citation.journal_id_CSD 
_citation.book_publisher 
_citation.pdbx_database_id_PubMed 
_citation.pdbx_database_id_DOI 
primary 'High-resolution protein design with backbone freedom.'                                Science                282 1462 
1467 1998 SCIEAS US 0036-8075 0038 ? 9822371 10.1126/science.282.5393.1462 
1       'Repacking Protein Cores with Backbone Freedom: Structure Prediction for Coiled Coils' Proc.Natl.Acad.Sci.USA 92  8408 ? 
1995 PNASA6 US 0027-8424 0040 ? ?       ?                             
# 
loop_
_citation_author.citation_id 
_citation_author.name 
_citation_author.ordinal 
_citation_author.identifier_ORCID 
primary 'Harbury, P.B.' 1 ? 
primary 'Plecs, J.J.'   2 ? 
primary 'Tidor, B.'     3 ? 
primary 'Alber, T.'     4 ? 
primary 'Kim, P.S.'     5 ? 
1       'Harbury, P.B.' 6 ? 
1       'Tidor, B.'     7 ? 
1       'Kim, P.S.'     8 ? 
# 
loop_
_entity.id 
_entity.type 
_entity.src_method 
_entity.pdbx_description 
_entity.formula_weight 
_entity.pdbx_number_of_molecules 
_entity.pdbx_ec 
_entity.pdbx_mutation 
_entity.pdbx_fragment 
_entity.details 
1 polymer     man 'RIGHT-HANDED COILED COIL TETRAMER' 3637.529 1 ? ? ? ? 
2 non-polymer syn 'ISOPROPYL ALCOHOL'                 60.095   3 ? ? ? ? 
3 water       nat water                               18.015   8 ? ? ? ? 
# 
_entity_poly.entity_id                      1 
_entity_poly.type                           'polypeptide(L)' 
_entity_poly.nstd_linkage                   no 
_entity_poly.nstd_monomer                   yes 
_entity_poly.pdbx_seq_one_letter_code       '(ACE)AALAQ(IIL)KKEIAYLLAK(IIL)KAEILAALKK(IIL)KQEIA(NH2)' 
_entity_poly.pdbx_seq_one_letter_code_can   XAALAQIKKEIAYLLAKIKAEILAALKKIKQEIAX 
_entity_poly.pdbx_strand_id                 A 
_entity_poly.pdbx_target_identifier         ? 
# 
loop_
_pdbx_entity_nonpoly.entity_id 
_pdbx_entity_nonpoly.name 
_pdbx_entity_nonpoly.comp_id 
2 'ISOPROPYL ALCOHOL' IPA 
3 water               HOH 
# 
loop_
_entity_poly_seq.entity_id 
_entity_poly_seq.num 
_entity_poly_seq.mon_id 
_entity_poly_seq.hetero 
1 1  ACE n 
1 2  ALA n 
1 3  ALA n 
1 4  LEU n 
1 5  ALA n 
1 6  GLN n 
1 7  IIL n 
1 8  LYS n 
1 9  LYS n 
1 10 GLU n 
1 11 ILE n 
1 12 ALA n 
1 13 TYR n 
1 14 LEU n 
1 15 LEU n 
1 16 ALA n 
1 17 LYS n 
1 18 IIL n 
1 19 LYS n 
1 20 ALA n 
1 21 GLU n 
1 22 ILE n 
1 23 LEU n 
1 24 ALA n 
1 25 ALA n 
1 26 LEU n 
1 27 LYS n 
1 28 LYS n 
1 29 IIL n 
1 30 LYS n 
1 31 GLN n 
1 32 GLU n 
1 33 ILE n 
1 34 ALA n 
1 35 NH2 n 
# 
_entity_src_gen.entity_id                          1 
_entity_src_gen.pdbx_src_id                        1 
_entity_src_gen.pdbx_alt_source_flag               sample 
_entity_src_gen.pdbx_seq_type                      ? 
_entity_src_gen.pdbx_beg_seq_num                   ? 
_entity_src_gen.pdbx_end_seq_num                   ? 
_entity_src_gen.gene_src_common_name               ? 
_entity_src_gen.gene_src_genus                     ? 
_entity_src_gen.pdbx_gene_src_gene                 ? 
_entity_src_gen.gene_src_species                   ? 
_entity_src_gen.gene_src_strain                    ? 
_entity_src_gen.gene_src_tissue                    ? 
_entity_src_gen.gene_src_tissue_fraction           ? 
_entity_src_gen.gene_src_details                   ? 
_entity_src_gen.pdbx_gene_src_fragment             ? 
_entity_src_gen.pdbx_gene_src_scientific_name      'synthetic construct' 
_entity_src_gen.pdbx_gene_src_ncbi_taxonomy_id     32630 
_entity_src_gen.pdbx_gene_src_variant              ? 
_entity_src_gen.pdbx_gene_src_cell_line            ? 
_entity_src_gen.pdbx_gene_src_atcc                 ? 
_entity_src_gen.pdbx_gene_src_organ                ? 
_entity_src_gen.pdbx_gene_src_organelle            ? 
_entity_src_gen.pdbx_gene_src_cell                 ? 
_entity_src_gen.pdbx_gene_src_cellular_location    ? 
_entity_src_gen.host_org_common_name               ? 
_entity_src_gen.pdbx_host_org_scientific_name      ? 
_entity_src_gen.pdbx_host_org_ncbi_taxonomy_id     ? 
_entity_src_gen.host_org_genus                     ? 
_entity_src_gen.pdbx_host_org_gene                 ? 
_entity_src_gen.pdbx_host_org_organ                ? 
_entity_src_gen.host_org_species                   ? 
_entity_src_gen.pdbx_host_org_tissue               ? 
_entity_src_gen.pdbx_host_org_tissue_fraction      ? 
_entity_src_gen.pdbx_host_org_strain               ? 
_entity_src_gen.pdbx_host_org_variant              ? 
_entity_src_gen.pdbx_host_org_cell_line            ? 
_entity_src_gen.pdbx_host_org_atcc                 ? 
_entity_src_gen.pdbx_host_org_culture_collection   ? 
_entity_src_gen.pdbx_host_org_cell                 ? 
_entity_src_gen.pdbx_host_org_organelle            ? 
_entity_src_gen.pdbx_host_org_cellular_location    ? 
_entity_src_gen.pdbx_host_org_vector_type          ? 
_entity_src_gen.pdbx_host_org_vector               ? 
_entity_src_gen.host_org_details                   ? 
_entity_src_gen.expression_system_id               ? 
_entity_src_gen.plasmid_name                       ? 
_entity_src_gen.plasmid_details                    ? 
_entity_src_gen.pdbx_description                   ? 
# 
loop_
_chem_comp.id 
_chem_comp.type 
_chem_comp.mon_nstd_flag 
_chem_comp.name 
_chem_comp.pdbx_synonyms 
_chem_comp.formula 
_chem_comp.formula_weight 
ACE non-polymer         . 'ACETYL GROUP'      ?               'C2 H4 O'        44.053  
ALA 'L-peptide linking' y ALANINE             ?               'C3 H7 N O2'     89.093  
GLN 'L-peptide linking' y GLUTAMINE           ?               'C5 H10 N2 O3'   146.144 
GLU 'L-peptide linking' y 'GLUTAMIC ACID'     ?               'C5 H9 N O4'     147.129 
HOH non-polymer         . WATER               ?               'H2 O'           18.015  
IIL 'L-peptide linking' n ISO-ISOLEUCINE      ALLO-ISOLEUCINE 'C6 H13 N O2'    131.173 
ILE 'L-peptide linking' y ISOLEUCINE          ?               'C6 H13 N O2'    131.173 
IPA non-polymer         . 'ISOPROPYL ALCOHOL' 2-PROPANOL      'C3 H8 O'        60.095  
LEU 'L-peptide linking' y LEUCINE             ?               'C6 H13 N O2'    131.173 
LYS 'L-peptide linking' y LYSINE              ?               'C6 H15 N2 O2 1' 147.195 
NH2 non-polymer         . 'AMINO GROUP'       ?               'H2 N'           16.023  
TYR 'L-peptide linking' y TYROSINE            ?               'C9 H11 N O3'    181.189 
# 
loop_
_pdbx_poly_seq_scheme.asym_id 
_pdbx_poly_seq_scheme.entity_id 
_pdbx_poly_seq_scheme.seq_id 
_pdbx_poly_seq_scheme.mon_id 
_pdbx_poly_seq_scheme.ndb_seq_num 
_pdbx_poly_seq_scheme.pdb_seq_num 
_pdbx_poly_seq_scheme.auth_seq_num 
_pdbx_poly_seq_scheme.pdb_mon_id 
_pdbx_poly_seq_scheme.auth_mon_id 
_pdbx_poly_seq_scheme.pdb_strand_id 
_pdbx_poly_seq_scheme.pdb_ins_code 
_pdbx_poly_seq_scheme.hetero 
A 1 1  ACE 1  0  0  ACE ACE A . n 
A 1 2  ALA 2  1  1  ALA ALA A . n 
A 1 3  ALA 3  2  2  ALA ALA A . n 
A 1 4  LEU 4  3  3  LEU LEU A . n 
A 1 5  ALA 5  4  4  ALA ALA A . n 
A 1 6  GLN 6  5  5  GLN GLN A . n 
A 1 7  IIL 7  6  6  IIL IIL A . n 
A 1 8  LYS 8  7  7  LYS LYS A . n 
A 1 9  LYS 9  8  8  LYS LYS A . n 
A 1 10 GLU 10 9  9  GLU GLU A . n 
A 1 11 ILE 11 10 10 ILE ILE A . n 
A 1 12 ALA 12 11 11 ALA ALA A . n 
A 1 13 TYR 13 12 12 TYR TYR A . n 
A 1 14 LEU 14 13 13 LEU LEU A . n 
A 1 15 LEU 15 14 14 LEU LEU A . n 
A 1 16 ALA 16 15 15 ALA ALA A . n 
A 1 17 LYS 17 16 16 LYS LYS A . n 
A 1 18 IIL 18 17 17 IIL IIL A . n 
A 1 19 LYS 19 18 18 LYS LYS A . n 
A 1 20 ALA 20 19 19 ALA ALA A . n 
A 1 21 GLU 21 20 20 GLU GLU A . n 
A 1 22 ILE 22 21 21 ILE ILE A . n 
A 1 23 LEU 23 22 22 LEU LEU A . n 
A 1 24 ALA 24 23 23 ALA ALA A . n 
A 1 25 ALA 25 24 24 ALA ALA A . n 
A 1 26 LEU 26 25 25 LEU LEU A . n 
A 1 27 LYS 27 26 26 LYS LYS A . n 
A 1 28 LYS 28 27 27 LYS LYS A . n 
A 1 29 IIL 29 28 28 IIL IIL A . n 
A 1 30 LYS 30 29 29 LYS LYS A . n 
A 1 31 GLN 31 30 30 GLN GLN A . n 
A 1 32 GLU 32 31 31 GLU GLU A . n 
A 1 33 ILE 33 32 32 ILE ILE A . n 
A 1 34 ALA 34 33 33 ALA ALA A . n 
A 1 35 NH2 35 34 34 NH2 NH2 A . n 
# 
loop_
_pdbx_nonpoly_scheme.asym_id 
_pdbx_nonpoly_scheme.entity_id 
_pdbx_nonpoly_scheme.mon_id 
_pdbx_nonpoly_scheme.ndb_seq_num 
_pdbx_nonpoly_scheme.pdb_seq_num 
_pdbx_nonpoly_scheme.auth_seq_num 
_pdbx_nonpoly_scheme.pdb_mon_id 
_pdbx_nonpoly_scheme.auth_mon_id 
_pdbx_nonpoly_scheme.pdb_strand_id 
_pdbx_nonpoly_scheme.pdb_ins_code 
B 2 IPA 1 201 201 IPA IPA A . 
C 2 IPA 1 202 202 IPA IPA A . 
D 2 IPA 1 203 203 IPA IPA A . 
E 3 HOH 1 101 101 HOH HOH A . 
E 3 HOH 2 102 102 HOH HOH A . 
E 3 HOH 3 103 103 HOH HOH A . 
E 3 HOH 4 104 104 HOH HOH A . 
E 3 HOH 5 105 105 HOH HOH A . 
E 3 HOH 6 106 106 HOH HOH A . 
E 3 HOH 7 107 107 HOH HOH A . 
E 3 HOH 8 108 108 HOH HOH A . 
# 
loop_
_software.name 
_software.classification 
_software.version 
_software.citation_id 
_software.pdbx_ordinal 
X-PLOR 'model building' 3.1 ? 1 
X-PLOR refinement       3.1 ? 2 
R-AXIS 'data reduction' .   ? 3 
R-AXIS 'data scaling'   .   ? 4 
X-PLOR phasing          3.1 ? 5 
# 
_cell.entry_id           1RH4 
_cell.length_a           37.556 
_cell.length_b           37.556 
_cell.length_c           53.384 
_cell.angle_alpha        90.00 
_cell.angle_beta         90.00 
_cell.angle_gamma        90.00 
_cell.Z_PDB              8 
_cell.pdbx_unique_axis   ? 
# 
_symmetry.entry_id                         1RH4 
_symmetry.space_group_name_H-M             'P 4 21 2' 
_symmetry.pdbx_full_space_group_name_H-M   ? 
_symmetry.cell_setting                     ? 
_symmetry.Int_Tables_number                90 
# 
_exptl.entry_id          1RH4 
_exptl.method            'X-RAY DIFFRACTION' 
_exptl.crystals_number   1 
# 
_exptl_crystal.id                    1 
_exptl_crystal.density_meas          ? 
_exptl_crystal.density_Matthews      2.5 
_exptl_crystal.density_percent_sol   52.0 
_exptl_crystal.description           ? 
# 
_exptl_crystal_grow.crystal_id      1 
_exptl_crystal_grow.method          ? 
_exptl_crystal_grow.temp            ? 
_exptl_crystal_grow.temp_details    ? 
_exptl_crystal_grow.pH              8.1 
_exptl_crystal_grow.pdbx_pH_range   ? 
_exptl_crystal_grow.pdbx_details    '100MM TRIS PH 8.1 0.3M NABR 20% 2-PROPANOL 20% POLYETHLENE GLYCOL 1450' 
# 
_diffrn.id                     1 
_diffrn.ambient_temp           300 
_diffrn.ambient_temp_details   ? 
_diffrn.crystal_id             1 
# 
_diffrn_detector.diffrn_id              1 
_diffrn_detector.detector               'IMAGE PLATE' 
_diffrn_detector.type                   'RIGAKU RAXIS II' 
_diffrn_detector.pdbx_collection_date   1995-06 
_diffrn_detector.details                ? 
# 
_diffrn_radiation.diffrn_id                        1 
_diffrn_radiation.wavelength_id                    1 
_diffrn_radiation.pdbx_monochromatic_or_laue_m_l   M 
_diffrn_radiation.monochromator                    'NI FILTER' 
_diffrn_radiation.pdbx_diffrn_protocol             ? 
_diffrn_radiation.pdbx_scattering_type             x-ray 
# 
_diffrn_radiation_wavelength.id           1 
_diffrn_radiation_wavelength.wavelength   1.5418 
_diffrn_radiation_wavelength.wt           1.0 
# 
_diffrn_source.diffrn_id                   1 
_diffrn_source.source                      'ROTATING ANODE' 
_diffrn_source.type                        RIGAKU 
_diffrn_source.pdbx_synchrotron_site       ? 
_diffrn_source.pdbx_synchrotron_beamline   ? 
_diffrn_source.pdbx_wavelength             1.5418 
_diffrn_source.pdbx_wavelength_list        ? 
# 
_reflns.entry_id                     1RH4 
_reflns.observed_criterion_sigma_I   2.0 
_reflns.observed_criterion_sigma_F   ? 
_reflns.d_resolution_low             6.0 
_reflns.d_resolution_high            1.9 
_reflns.number_obs                   3175 
_reflns.number_all                   ? 
_reflns.percent_possible_obs         86 
_reflns.pdbx_Rmerge_I_obs            0.034 
_reflns.pdbx_Rsym_value              ? 
_reflns.pdbx_netI_over_sigmaI        ? 
_reflns.B_iso_Wilson_estimate        31 
_reflns.pdbx_redundancy              ? 
_reflns.pdbx_ordinal                 1 
_reflns.pdbx_diffrn_id               1 
# 
_reflns_shell.d_res_high             1.9 
_reflns_shell.d_res_low              1.98 
_reflns_shell.percent_possible_all   58.9 
_reflns_shell.Rmerge_I_obs           ? 
_reflns_shell.pdbx_Rsym_value        ? 
_reflns_shell.meanI_over_sigI_obs    ? 
_reflns_shell.pdbx_redundancy        ? 
_reflns_shell.pdbx_ordinal           1 
_reflns_shell.pdbx_diffrn_id         1 
# 
_refine.entry_id                                 1RH4 
_refine.ls_number_reflns_obs                     3175 
_refine.ls_number_reflns_all                     ? 
_refine.pdbx_ls_sigma_I                          ? 
_refine.pdbx_ls_sigma_F                          2.0 
_refine.pdbx_data_cutoff_high_absF               100000 
_refine.pdbx_data_cutoff_low_absF                0.1 
_refine.pdbx_data_cutoff_high_rms_absF           ? 
_refine.ls_d_res_low                             6.0 
_refine.ls_d_res_high                            1.9 
_refine.ls_percent_reflns_obs                    85.9 
_refine.ls_R_factor_obs                          0.200 
_refine.ls_R_factor_all                          ? 
_refine.ls_R_factor_R_work                       0.200 
_refine.ls_R_factor_R_free                       0.248 
_refine.ls_R_factor_R_free_error                 ? 
_refine.ls_R_factor_R_free_error_details         ? 
_refine.ls_percent_reflns_R_free                 10 
_refine.ls_number_reflns_R_free                  263 
_refine.ls_number_parameters                     ? 
_refine.ls_number_restraints                     ? 
_refine.occupancy_min                            ? 
_refine.occupancy_max                            ? 
_refine.B_iso_mean                               ? 
_refine.aniso_B[1][1]                            ? 
_refine.aniso_B[2][2]                            ? 
_refine.aniso_B[3][3]                            ? 
_refine.aniso_B[1][2]                            ? 
_refine.aniso_B[1][3]                            ? 
_refine.aniso_B[2][3]                            ? 
_refine.solvent_model_details                    ? 
_refine.solvent_model_param_ksol                 ? 
_refine.solvent_model_param_bsol                 ? 
_refine.pdbx_ls_cross_valid_method               THROUGHOUT 
_refine.details                                  ? 
_refine.pdbx_starting_model                      'PREDICTED STRUCTURE' 
_refine.pdbx_method_to_determine_struct          'MOLECULAR REPLACEMENT' 
_refine.pdbx_isotropic_thermal_model             ? 
_refine.pdbx_stereochemistry_target_values       ? 
_refine.pdbx_stereochem_target_val_spec_case     ? 
_refine.pdbx_R_Free_selection_details            RANDOM 
_refine.pdbx_overall_ESU_R                       ? 
_refine.pdbx_overall_ESU_R_Free                  ? 
_refine.overall_SU_ML                            ? 
_refine.overall_SU_B                             ? 
_refine.pdbx_refine_id                           'X-RAY DIFFRACTION' 
_refine.pdbx_diffrn_id                           1 
_refine.pdbx_TLS_residual_ADP_flag               ? 
_refine.correlation_coeff_Fo_to_Fc               ? 
_refine.correlation_coeff_Fo_to_Fc_free          ? 
_refine.pdbx_solvent_vdw_probe_radii             ? 
_refine.pdbx_solvent_ion_probe_radii             ? 
_refine.pdbx_solvent_shrinkage_radii             ? 
_refine.pdbx_overall_phase_error                 ? 
_refine.overall_SU_R_Cruickshank_DPI             ? 
_refine.pdbx_overall_SU_R_free_Cruickshank_DPI   ? 
_refine.pdbx_overall_SU_R_Blow_DPI               ? 
_refine.pdbx_overall_SU_R_free_Blow_DPI          ? 
# 
_refine_hist.pdbx_refine_id                   'X-RAY DIFFRACTION' 
_refine_hist.cycle_id                         LAST 
_refine_hist.pdbx_number_atoms_protein        257 
_refine_hist.pdbx_number_atoms_nucleic_acid   0 
_refine_hist.pdbx_number_atoms_ligand         12 
_refine_hist.number_atoms_solvent             8 
_refine_hist.number_atoms_total               277 
_refine_hist.d_res_high                       1.9 
_refine_hist.d_res_low                        6.0 
# 
loop_
_refine_ls_restr.type 
_refine_ls_restr.dev_ideal 
_refine_ls_restr.dev_ideal_target 
_refine_ls_restr.weight 
_refine_ls_restr.number 
_refine_ls_restr.pdbx_refine_id 
_refine_ls_restr.pdbx_restraint_function 
x_bond_d                0.007 ? ? ? 'X-RAY DIFFRACTION' ? 
x_bond_d_na             ?     ? ? ? 'X-RAY DIFFRACTION' ? 
x_bond_d_prot           ?     ? ? ? 'X-RAY DIFFRACTION' ? 
x_angle_d               ?     ? ? ? 'X-RAY DIFFRACTION' ? 
x_angle_d_na            ?     ? ? ? 'X-RAY DIFFRACTION' ? 
x_angle_d_prot          ?     ? ? ? 'X-RAY DIFFRACTION' ? 
x_angle_deg             1.828 ? ? ? 'X-RAY DIFFRACTION' ? 
x_angle_deg_na          ?     ? ? ? 'X-RAY DIFFRACTION' ? 
x_angle_deg_prot        ?     ? ? ? 'X-RAY DIFFRACTION' ? 
x_dihedral_angle_d      14.46 ? ? ? 'X-RAY DIFFRACTION' ? 
x_dihedral_angle_d_na   ?     ? ? ? 'X-RAY DIFFRACTION' ? 
x_dihedral_angle_d_prot ?     ? ? ? 'X-RAY DIFFRACTION' ? 
x_improper_angle_d      0.883 ? ? ? 'X-RAY DIFFRACTION' ? 
x_improper_angle_d_na   ?     ? ? ? 'X-RAY DIFFRACTION' ? 
x_improper_angle_d_prot ?     ? ? ? 'X-RAY DIFFRACTION' ? 
x_mcbond_it             ?     ? ? ? 'X-RAY DIFFRACTION' ? 
x_mcangle_it            ?     ? ? ? 'X-RAY DIFFRACTION' ? 
x_scbond_it             ?     ? ? ? 'X-RAY DIFFRACTION' ? 
x_scangle_it            ?     ? ? ? 'X-RAY DIFFRACTION' ? 
# 
_refine_ls_shell.pdbx_total_number_of_bins_used   8 
_refine_ls_shell.d_res_high                       1.90 
_refine_ls_shell.d_res_low                        1.98 
_refine_ls_shell.number_reflns_R_work             210 
_refine_ls_shell.R_factor_R_work                  0.273 
_refine_ls_shell.percent_reflns_obs               58.9 
_refine_ls_shell.R_factor_R_free                  0.342 
_refine_ls_shell.R_factor_R_free_error            ? 
_refine_ls_shell.percent_reflns_R_free            ? 
_refine_ls_shell.number_reflns_R_free             22 
_refine_ls_shell.pdbx_refine_id                   'X-RAY DIFFRACTION' 
_refine_ls_shell.number_reflns_all                ? 
_refine_ls_shell.R_factor_all                     ? 
# 
loop_
_pdbx_xplor_file.serial_no 
_pdbx_xplor_file.param_file 
_pdbx_xplor_file.topol_file 
_pdbx_xplor_file.pdbx_refine_id 
1 PARAM19X.PRO TOPH19X.PRO 'X-RAY DIFFRACTION' 
2 ?            ?           'X-RAY DIFFRACTION' 
# 
_struct.entry_id                  1RH4 
_struct.title                     'RH4 DESIGNED RIGHT-HANDED COILED COIL TETRAMER' 
_struct.pdbx_model_details        ? 
_struct.pdbx_CASP_flag            ? 
_struct.pdbx_model_type_details   ? 
# 
_struct_keywords.entry_id        1RH4 
_struct_keywords.pdbx_keywords   'COILED COIL' 
_struct_keywords.text            'DE NOVO DESIGN, COILED COIL' 
# 
loop_
_struct_asym.id 
_struct_asym.pdbx_blank_PDB_chainid_flag 
_struct_asym.pdbx_modified 
_struct_asym.entity_id 
_struct_asym.details 
A N N 1 ? 
B N N 2 ? 
C N N 2 ? 
D N N 2 ? 
E N N 3 ? 
# 
_struct_ref.id                         1 
_struct_ref.entity_id                  1 
_struct_ref.db_name                    PDB 
_struct_ref.db_code                    1RH4 
_struct_ref.pdbx_db_accession          1RH4 
_struct_ref.pdbx_db_isoform            ? 
_struct_ref.pdbx_seq_one_letter_code   ? 
_struct_ref.pdbx_align_begin           ? 
# 
_struct_ref_seq.align_id                      1 
_struct_ref_seq.ref_id                        1 
_struct_ref_seq.pdbx_PDB_id_code              1RH4 
_struct_ref_seq.pdbx_strand_id                A 
_struct_ref_seq.seq_align_beg                 1 
_struct_ref_seq.pdbx_seq_align_beg_ins_code   ? 
_struct_ref_seq.seq_align_end                 35 
_struct_ref_seq.pdbx_seq_align_end_ins_code   ? 
_struct_ref_seq.pdbx_db_accession             1RH4 
_struct_ref_seq.db_align_beg                  0 
_struct_ref_seq.pdbx_db_align_beg_ins_code    ? 
_struct_ref_seq.db_align_end                  34 
_struct_ref_seq.pdbx_db_align_end_ins_code    ? 
_struct_ref_seq.pdbx_auth_seq_align_beg       0 
_struct_ref_seq.pdbx_auth_seq_align_end       34 
# 
_pdbx_struct_assembly.id                   1 
_pdbx_struct_assembly.details              author_and_software_defined_assembly 
_pdbx_struct_assembly.method_details       PISA,PQS 
_pdbx_struct_assembly.oligomeric_details   tetrameric 
_pdbx_struct_assembly.oligomeric_count     4 
# 
loop_
_pdbx_struct_assembly_prop.biol_id 
_pdbx_struct_assembly_prop.type 
_pdbx_struct_assembly_prop.value 
_pdbx_struct_assembly_prop.details 
1 'ABSA (A^2)' 9200 ? 
1 MORE         -35  ? 
1 'SSA (A^2)'  7880 ? 
# 
_pdbx_struct_assembly_gen.assembly_id       1 
_pdbx_struct_assembly_gen.oper_expression   1,2,3,4 
_pdbx_struct_assembly_gen.asym_id_list      A,B,C,D,E 
# 
loop_
_pdbx_struct_oper_list.id 
_pdbx_struct_oper_list.type 
_pdbx_struct_oper_list.name 
_pdbx_struct_oper_list.symmetry_operation 
_pdbx_struct_oper_list.matrix[1][1] 
_pdbx_struct_oper_list.matrix[1][2] 
_pdbx_struct_oper_list.matrix[1][3] 
_pdbx_struct_oper_list.vector[1] 
_pdbx_struct_oper_list.matrix[2][1] 
_pdbx_struct_oper_list.matrix[2][2] 
_pdbx_struct_oper_list.matrix[2][3] 
_pdbx_struct_oper_list.vector[2] 
_pdbx_struct_oper_list.matrix[3][1] 
_pdbx_struct_oper_list.matrix[3][2] 
_pdbx_struct_oper_list.matrix[3][3] 
_pdbx_struct_oper_list.vector[3] 
1 'identity operation'         1_555 x,y,z          1.0000000000 0.0000000000  0.0000000000  0.0000000000  0.0000000000  1.0000000000  0.0000000000  0.0000000000  0.0000000000  0.0000000000  1.0000000000  0.0000000000   
2 'crystal symmetry operation' 2_655 -x+1,-y,z      0.6353260432 -0.7714916496 -0.0340801029 0.2810905553  -0.7714916496 -0.6360362706 0.0160778427  1.2587369140  -0.0340801029 0.0160778427  -0.9992897726 -15.0067126904 
3 'crystal symmetry operation' 3_545 -y+1/2,x-1/2,z 0.8176630216 -0.3669013637 -0.4436333762 -3.0721965616 -0.4045902859 0.1819818647  -0.8962082913 -6.1528721037 0.4095532733  0.9122861340  0.0003551137  -8.1324166954  
4 'crystal symmetry operation' 4_555 y+1/2,-x+1/2,z 0.8176630216 -0.4045902859 0.4095532733  3.3532871169  -0.3669013637 0.1819818647  0.9122861340  7.4116090177  -0.4436333762 -0.8962082913 0.0003551137  -6.8742959949 
# 
_struct_biol.id   1 
# 
_struct_conf.conf_type_id            HELX_P 
_struct_conf.id                      HELX_P1 
_struct_conf.pdbx_PDB_helix_id       1 
_struct_conf.beg_label_comp_id       ALA 
_struct_conf.beg_label_asym_id       A 
_struct_conf.beg_label_seq_id        5 
_struct_conf.pdbx_beg_PDB_ins_code   ? 
_struct_conf.end_label_comp_id       GLN 
_struct_conf.end_label_asym_id       A 
_struct_conf.end_label_seq_id        31 
_struct_conf.pdbx_end_PDB_ins_code   ? 
_struct_conf.beg_auth_comp_id        ALA 
_struct_conf.beg_auth_asym_id        A 
_struct_conf.beg_auth_seq_id         4 
_struct_conf.end_auth_comp_id        GLN 
_struct_conf.end_auth_asym_id        A 
_struct_conf.end_auth_seq_id         30 
_struct_conf.pdbx_PDB_helix_class    5 
_struct_conf.details                 ? 
_struct_conf.pdbx_PDB_helix_length   27 
# 
_struct_conf_type.id          HELX_P 
_struct_conf_type.criteria    ? 
_struct_conf_type.reference   ? 
# 
loop_
_struct_conn.id 
_struct_conn.conn_type_id 
_struct_conn.pdbx_leaving_atom_flag 
_struct_conn.pdbx_PDB_id 
_struct_conn.ptnr1_label_asym_id 
_struct_conn.ptnr1_label_comp_id 
_struct_conn.ptnr1_label_seq_id 
_struct_conn.ptnr1_label_atom_id 
_struct_conn.pdbx_ptnr1_label_alt_id 
_struct_conn.pdbx_ptnr1_PDB_ins_code 
_struct_conn.pdbx_ptnr1_standard_comp_id 
_struct_conn.ptnr1_symmetry 
_struct_conn.ptnr2_label_asym_id 
_struct_conn.ptnr2_label_comp_id 
_struct_conn.ptnr2_label_seq_id 
_struct_conn.ptnr2_label_atom_id 
_struct_conn.pdbx_ptnr2_label_alt_id 
_struct_conn.pdbx_ptnr2_PDB_ins_code 
_struct_conn.ptnr1_auth_asym_id 
_struct_conn.ptnr1_auth_comp_id 
_struct_conn.ptnr1_auth_seq_id 
_struct_conn.ptnr2_auth_asym_id 
_struct_conn.ptnr2_auth_comp_id 
_struct_conn.ptnr2_auth_seq_id 
_struct_conn.ptnr2_symmetry 
_struct_conn.pdbx_ptnr3_label_atom_id 
_struct_conn.pdbx_ptnr3_label_seq_id 
_struct_conn.pdbx_ptnr3_label_comp_id 
_struct_conn.pdbx_ptnr3_label_asym_id 
_struct_conn.pdbx_ptnr3_label_alt_id 
_struct_conn.pdbx_ptnr3_PDB_ins_code 
_struct_conn.details 
_struct_conn.pdbx_dist_value 
_struct_conn.pdbx_value_order 
_struct_conn.pdbx_role 
covale1 covale both ? A ACE 1  C ? ? ? 1_555 A ALA 2  N ? ? A ACE 0  A ALA 1  1_555 ? ? ? ? ? ? ? 1.334 ? ? 
covale2 covale both ? A GLN 6  C ? ? ? 1_555 A IIL 7  N ? ? A GLN 5  A IIL 6  1_555 ? ? ? ? ? ? ? 1.332 ? ? 
covale3 covale both ? A IIL 7  C ? ? ? 1_555 A LYS 8  N ? ? A IIL 6  A LYS 7  1_555 ? ? ? ? ? ? ? 1.335 ? ? 
covale4 covale both ? A LYS 17 C ? ? ? 1_555 A IIL 18 N ? ? A LYS 16 A IIL 17 1_555 ? ? ? ? ? ? ? 1.336 ? ? 
covale5 covale both ? A IIL 18 C ? ? ? 1_555 A LYS 19 N ? ? A IIL 17 A LYS 18 1_555 ? ? ? ? ? ? ? 1.319 ? ? 
covale6 covale both ? A LYS 28 C ? ? ? 1_555 A IIL 29 N ? ? A LYS 27 A IIL 28 1_555 ? ? ? ? ? ? ? 1.333 ? ? 
covale7 covale both ? A IIL 29 C ? ? ? 1_555 A LYS 30 N ? ? A IIL 28 A LYS 29 1_555 ? ? ? ? ? ? ? 1.322 ? ? 
covale8 covale both ? A ALA 34 C ? ? ? 1_555 A NH2 35 N ? ? A ALA 33 A NH2 34 1_555 ? ? ? ? ? ? ? 1.320 ? ? 
# 
_struct_conn_type.id          covale 
_struct_conn_type.criteria    ? 
_struct_conn_type.reference   ? 
# 
loop_
_pdbx_modification_feature.ordinal 
_pdbx_modification_feature.label_comp_id 
_pdbx_modification_feature.label_asym_id 
_pdbx_modification_feature.label_seq_id 
_pdbx_modification_feature.label_alt_id 
_pdbx_modification_feature.modified_residue_label_comp_id 
_pdbx_modification_feature.modified_residue_label_asym_id 
_pdbx_modification_feature.modified_residue_label_seq_id 
_pdbx_modification_feature.modified_residue_label_alt_id 
_pdbx_modification_feature.auth_comp_id 
_pdbx_modification_feature.auth_asym_id 
_pdbx_modification_feature.auth_seq_id 
_pdbx_modification_feature.PDB_ins_code 
_pdbx_modification_feature.symmetry 
_pdbx_modification_feature.modified_residue_auth_comp_id 
_pdbx_modification_feature.modified_residue_auth_asym_id 
_pdbx_modification_feature.modified_residue_auth_seq_id 
_pdbx_modification_feature.modified_residue_PDB_ins_code 
_pdbx_modification_feature.modified_residue_symmetry 
_pdbx_modification_feature.comp_id_linking_atom 
_pdbx_modification_feature.modified_residue_id_linking_atom 
_pdbx_modification_feature.modified_residue_id 
_pdbx_modification_feature.ref_pcm_id 
_pdbx_modification_feature.ref_comp_id 
_pdbx_modification_feature.type 
_pdbx_modification_feature.category 
1 IIL A 7  ? .   . .  . IIL A 6  ? 1_555 .   . .  . .     . . ILE 1 IIL Stereoisomerisation 'Named protein modification' 
2 IIL A 18 ? .   . .  . IIL A 17 ? 1_555 .   . .  . .     . . ILE 1 IIL Stereoisomerisation 'Named protein modification' 
3 IIL A 29 ? .   . .  . IIL A 28 ? 1_555 .   . .  . .     . . ILE 1 IIL Stereoisomerisation 'Named protein modification' 
4 ACE A 1  ? ALA A 2  ? ACE A 0  ? 1_555 ALA A 1  ? 1_555 . . ALA 1 ACE None                'Terminal acetylation'       
5 NH2 A 35 ? ALA A 34 ? NH2 A 34 ? 1_555 ALA A 33 ? 1_555 . . ALA 1 NH2 None                'Terminal amidation'         
# 
loop_
_struct_site.id 
_struct_site.pdbx_evidence_code 
_struct_site.pdbx_auth_asym_id 
_struct_site.pdbx_auth_comp_id 
_struct_site.pdbx_auth_seq_id 
_struct_site.pdbx_auth_ins_code 
_struct_site.pdbx_num_residues 
_struct_site.details 
AC1 Software A IPA 201 ? 3 'BINDING SITE FOR RESIDUE IPA A 201' 
AC2 Software A IPA 202 ? 3 'BINDING SITE FOR RESIDUE IPA A 202' 
AC3 Software A IPA 203 ? 1 'BINDING SITE FOR RESIDUE IPA A 203' 
# 
loop_
_struct_site_gen.id 
_struct_site_gen.site_id 
_struct_site_gen.pdbx_num_res 
_struct_site_gen.label_comp_id 
_struct_site_gen.label_asym_id 
_struct_site_gen.label_seq_id 
_struct_site_gen.pdbx_auth_ins_code 
_struct_site_gen.auth_comp_id 
_struct_site_gen.auth_asym_id 
_struct_site_gen.auth_seq_id 
_struct_site_gen.label_atom_id 
_struct_site_gen.label_alt_id 
_struct_site_gen.symmetry 
_struct_site_gen.details 
1 AC1 3 ALA A 12 ? ALA A 11  . ? 1_555 ? 
2 AC1 3 LEU A 14 ? LEU A 13  . ? 4_555 ? 
3 AC1 3 IIL A 18 ? IIL A 17  . ? 4_555 ? 
4 AC2 3 ALA A 20 ? ALA A 19  . ? 1_555 ? 
5 AC2 3 LEU A 23 ? LEU A 22  . ? 1_555 ? 
6 AC2 3 LYS A 27 ? LYS A 26  . ? 1_555 ? 
7 AC3 1 HOH E .  ? HOH A 101 . ? 1_555 ? 
# 
_pdbx_entry_details.entry_id                   1RH4 
_pdbx_entry_details.compound_details           ? 
_pdbx_entry_details.source_details             ? 
_pdbx_entry_details.nonpolymer_details         ? 
_pdbx_entry_details.sequence_details           ? 
_pdbx_entry_details.has_ligand_of_interest     ? 
_pdbx_entry_details.has_protein_modification   Y 
# 
loop_
_pdbx_struct_mod_residue.id 
_pdbx_struct_mod_residue.label_asym_id 
_pdbx_struct_mod_residue.label_comp_id 
_pdbx_struct_mod_residue.label_seq_id 
_pdbx_struct_mod_residue.auth_asym_id 
_pdbx_struct_mod_residue.auth_comp_id 
_pdbx_struct_mod_residue.auth_seq_id 
_pdbx_struct_mod_residue.PDB_ins_code 
_pdbx_struct_mod_residue.parent_comp_id 
_pdbx_struct_mod_residue.details 
1 A IIL 7  A IIL 6  ? ILE ISO-ISOLEUCINE 
2 A IIL 18 A IIL 17 ? ILE ISO-ISOLEUCINE 
3 A IIL 29 A IIL 28 ? ILE ISO-ISOLEUCINE 
# 
loop_
_chem_comp_atom.comp_id 
_chem_comp_atom.atom_id 
_chem_comp_atom.type_symbol 
_chem_comp_atom.pdbx_aromatic_flag 
_chem_comp_atom.pdbx_stereo_config 
_chem_comp_atom.pdbx_ordinal 
ACE C    C N N 1   
ACE O    O N N 2   
ACE CH3  C N N 3   
ACE H    H N N 4   
ACE H1   H N N 5   
ACE H2   H N N 6   
ACE H3   H N N 7   
ALA N    N N N 8   
ALA CA   C N S 9   
ALA C    C N N 10  
ALA O    O N N 11  
ALA CB   C N N 12  
ALA OXT  O N N 13  
ALA H    H N N 14  
ALA H2   H N N 15  
ALA HA   H N N 16  
ALA HB1  H N N 17  
ALA HB2  H N N 18  
ALA HB3  H N N 19  
ALA HXT  H N N 20  
GLN N    N N N 21  
GLN CA   C N S 22  
GLN C    C N N 23  
GLN O    O N N 24  
GLN CB   C N N 25  
GLN CG   C N N 26  
GLN CD   C N N 27  
GLN OE1  O N N 28  
GLN NE2  N N N 29  
GLN OXT  O N N 30  
GLN H    H N N 31  
GLN H2   H N N 32  
GLN HA   H N N 33  
GLN HB2  H N N 34  
GLN HB3  H N N 35  
GLN HG2  H N N 36  
GLN HG3  H N N 37  
GLN HE21 H N N 38  
GLN HE22 H N N 39  
GLN HXT  H N N 40  
GLU N    N N N 41  
GLU CA   C N S 42  
GLU C    C N N 43  
GLU O    O N N 44  
GLU CB   C N N 45  
GLU CG   C N N 46  
GLU CD   C N N 47  
GLU OE1  O N N 48  
GLU OE2  O N N 49  
GLU OXT  O N N 50  
GLU H    H N N 51  
GLU H2   H N N 52  
GLU HA   H N N 53  
GLU HB2  H N N 54  
GLU HB3  H N N 55  
GLU HG2  H N N 56  
GLU HG3  H N N 57  
GLU HE2  H N N 58  
GLU HXT  H N N 59  
HOH O    O N N 60  
HOH H1   H N N 61  
HOH H2   H N N 62  
IIL N    N N N 63  
IIL CA   C N S 64  
IIL C    C N N 65  
IIL O    O N N 66  
IIL CB   C N R 67  
IIL CG2  C N N 68  
IIL CG1  C N N 69  
IIL CD1  C N N 70  
IIL OXT  O N N 71  
IIL H    H N N 72  
IIL H2   H N N 73  
IIL HA   H N N 74  
IIL HB   H N N 75  
IIL HG21 H N N 76  
IIL HG22 H N N 77  
IIL HG23 H N N 78  
IIL HG12 H N N 79  
IIL HG13 H N N 80  
IIL HD11 H N N 81  
IIL HD12 H N N 82  
IIL HD13 H N N 83  
IIL HXT  H N N 84  
ILE N    N N N 85  
ILE CA   C N S 86  
ILE C    C N N 87  
ILE O    O N N 88  
ILE CB   C N S 89  
ILE CG1  C N N 90  
ILE CG2  C N N 91  
ILE CD1  C N N 92  
ILE OXT  O N N 93  
ILE H    H N N 94  
ILE H2   H N N 95  
ILE HA   H N N 96  
ILE HB   H N N 97  
ILE HG12 H N N 98  
ILE HG13 H N N 99  
ILE HG21 H N N 100 
ILE HG22 H N N 101 
ILE HG23 H N N 102 
ILE HD11 H N N 103 
ILE HD12 H N N 104 
ILE HD13 H N N 105 
ILE HXT  H N N 106 
IPA C1   C N N 107 
IPA C2   C N N 108 
IPA C3   C N N 109 
IPA O2   O N N 110 
IPA H11  H N N 111 
IPA H12  H N N 112 
IPA H13  H N N 113 
IPA H2   H N N 114 
IPA H31  H N N 115 
IPA H32  H N N 116 
IPA H33  H N N 117 
IPA HO2  H N N 118 
LEU N    N N N 119 
LEU CA   C N S 120 
LEU C    C N N 121 
LEU O    O N N 122 
LEU CB   C N N 123 
LEU CG   C N N 124 
LEU CD1  C N N 125 
LEU CD2  C N N 126 
LEU OXT  O N N 127 
LEU H    H N N 128 
LEU H2   H N N 129 
LEU HA   H N N 130 
LEU HB2  H N N 131 
LEU HB3  H N N 132 
LEU HG   H N N 133 
LEU HD11 H N N 134 
LEU HD12 H N N 135 
LEU HD13 H N N 136 
LEU HD21 H N N 137 
LEU HD22 H N N 138 
LEU HD23 H N N 139 
LEU HXT  H N N 140 
LYS N    N N N 141 
LYS CA   C N S 142 
LYS C    C N N 143 
LYS O    O N N 144 
LYS CB   C N N 145 
LYS CG   C N N 146 
LYS CD   C N N 147 
LYS CE   C N N 148 
LYS NZ   N N N 149 
LYS OXT  O N N 150 
LYS H    H N N 151 
LYS H2   H N N 152 
LYS HA   H N N 153 
LYS HB2  H N N 154 
LYS HB3  H N N 155 
LYS HG2  H N N 156 
LYS HG3  H N N 157 
LYS HD2  H N N 158 
LYS HD3  H N N 159 
LYS HE2  H N N 160 
LYS HE3  H N N 161 
LYS HZ1  H N N 162 
LYS HZ2  H N N 163 
LYS HZ3  H N N 164 
LYS HXT  H N N 165 
NH2 N    N N N 166 
NH2 HN1  H N N 167 
NH2 HN2  H N N 168 
TYR N    N N N 169 
TYR CA   C N S 170 
TYR C    C N N 171 
TYR O    O N N 172 
TYR CB   C N N 173 
TYR CG   C Y N 174 
TYR CD1  C Y N 175 
TYR CD2  C Y N 176 
TYR CE1  C Y N 177 
TYR CE2  C Y N 178 
TYR CZ   C Y N 179 
TYR OH   O N N 180 
TYR OXT  O N N 181 
TYR H    H N N 182 
TYR H2   H N N 183 
TYR HA   H N N 184 
TYR HB2  H N N 185 
TYR HB3  H N N 186 
TYR HD1  H N N 187 
TYR HD2  H N N 188 
TYR HE1  H N N 189 
TYR HE2  H N N 190 
TYR HH   H N N 191 
TYR HXT  H N N 192 
# 
loop_
_chem_comp_bond.comp_id 
_chem_comp_bond.atom_id_1 
_chem_comp_bond.atom_id_2 
_chem_comp_bond.value_order 
_chem_comp_bond.pdbx_aromatic_flag 
_chem_comp_bond.pdbx_stereo_config 
_chem_comp_bond.pdbx_ordinal 
ACE C   O    doub N N 1   
ACE C   CH3  sing N N 2   
ACE C   H    sing N N 3   
ACE CH3 H1   sing N N 4   
ACE CH3 H2   sing N N 5   
ACE CH3 H3   sing N N 6   
ALA N   CA   sing N N 7   
ALA N   H    sing N N 8   
ALA N   H2   sing N N 9   
ALA CA  C    sing N N 10  
ALA CA  CB   sing N N 11  
ALA CA  HA   sing N N 12  
ALA C   O    doub N N 13  
ALA C   OXT  sing N N 14  
ALA CB  HB1  sing N N 15  
ALA CB  HB2  sing N N 16  
ALA CB  HB3  sing N N 17  
ALA OXT HXT  sing N N 18  
GLN N   CA   sing N N 19  
GLN N   H    sing N N 20  
GLN N   H2   sing N N 21  
GLN CA  C    sing N N 22  
GLN CA  CB   sing N N 23  
GLN CA  HA   sing N N 24  
GLN C   O    doub N N 25  
GLN C   OXT  sing N N 26  
GLN CB  CG   sing N N 27  
GLN CB  HB2  sing N N 28  
GLN CB  HB3  sing N N 29  
GLN CG  CD   sing N N 30  
GLN CG  HG2  sing N N 31  
GLN CG  HG3  sing N N 32  
GLN CD  OE1  doub N N 33  
GLN CD  NE2  sing N N 34  
GLN NE2 HE21 sing N N 35  
GLN NE2 HE22 sing N N 36  
GLN OXT HXT  sing N N 37  
GLU N   CA   sing N N 38  
GLU N   H    sing N N 39  
GLU N   H2   sing N N 40  
GLU CA  C    sing N N 41  
GLU CA  CB   sing N N 42  
GLU CA  HA   sing N N 43  
GLU C   O    doub N N 44  
GLU C   OXT  sing N N 45  
GLU CB  CG   sing N N 46  
GLU CB  HB2  sing N N 47  
GLU CB  HB3  sing N N 48  
GLU CG  CD   sing N N 49  
GLU CG  HG2  sing N N 50  
GLU CG  HG3  sing N N 51  
GLU CD  OE1  doub N N 52  
GLU CD  OE2  sing N N 53  
GLU OE2 HE2  sing N N 54  
GLU OXT HXT  sing N N 55  
HOH O   H1   sing N N 56  
HOH O   H2   sing N N 57  
IIL N   CA   sing N N 58  
IIL N   H    sing N N 59  
IIL N   H2   sing N N 60  
IIL CA  C    sing N N 61  
IIL CA  CB   sing N N 62  
IIL CA  HA   sing N N 63  
IIL C   O    doub N N 64  
IIL C   OXT  sing N N 65  
IIL CB  CG2  sing N N 66  
IIL CB  CG1  sing N N 67  
IIL CB  HB   sing N N 68  
IIL CG2 HG21 sing N N 69  
IIL CG2 HG22 sing N N 70  
IIL CG2 HG23 sing N N 71  
IIL CG1 CD1  sing N N 72  
IIL CG1 HG12 sing N N 73  
IIL CG1 HG13 sing N N 74  
IIL CD1 HD11 sing N N 75  
IIL CD1 HD12 sing N N 76  
IIL CD1 HD13 sing N N 77  
IIL OXT HXT  sing N N 78  
ILE N   CA   sing N N 79  
ILE N   H    sing N N 80  
ILE N   H2   sing N N 81  
ILE CA  C    sing N N 82  
ILE CA  CB   sing N N 83  
ILE CA  HA   sing N N 84  
ILE C   O    doub N N 85  
ILE C   OXT  sing N N 86  
ILE CB  CG1  sing N N 87  
ILE CB  CG2  sing N N 88  
ILE CB  HB   sing N N 89  
ILE CG1 CD1  sing N N 90  
ILE CG1 HG12 sing N N 91  
ILE CG1 HG13 sing N N 92  
ILE CG2 HG21 sing N N 93  
ILE CG2 HG22 sing N N 94  
ILE CG2 HG23 sing N N 95  
ILE CD1 HD11 sing N N 96  
ILE CD1 HD12 sing N N 97  
ILE CD1 HD13 sing N N 98  
ILE OXT HXT  sing N N 99  
IPA C1  C2   sing N N 100 
IPA C1  H11  sing N N 101 
IPA C1  H12  sing N N 102 
IPA C1  H13  sing N N 103 
IPA C2  C3   sing N N 104 
IPA C2  O2   sing N N 105 
IPA C2  H2   sing N N 106 
IPA C3  H31  sing N N 107 
IPA C3  H32  sing N N 108 
IPA C3  H33  sing N N 109 
IPA O2  HO2  sing N N 110 
LEU N   CA   sing N N 111 
LEU N   H    sing N N 112 
LEU N   H2   sing N N 113 
LEU CA  C    sing N N 114 
LEU CA  CB   sing N N 115 
LEU CA  HA   sing N N 116 
LEU C   O    doub N N 117 
LEU C   OXT  sing N N 118 
LEU CB  CG   sing N N 119 
LEU CB  HB2  sing N N 120 
LEU CB  HB3  sing N N 121 
LEU CG  CD1  sing N N 122 
LEU CG  CD2  sing N N 123 
LEU CG  HG   sing N N 124 
LEU CD1 HD11 sing N N 125 
LEU CD1 HD12 sing N N 126 
LEU CD1 HD13 sing N N 127 
LEU CD2 HD21 sing N N 128 
LEU CD2 HD22 sing N N 129 
LEU CD2 HD23 sing N N 130 
LEU OXT HXT  sing N N 131 
LYS N   CA   sing N N 132 
LYS N   H    sing N N 133 
LYS N   H2   sing N N 134 
LYS CA  C    sing N N 135 
LYS CA  CB   sing N N 136 
LYS CA  HA   sing N N 137 
LYS C   O    doub N N 138 
LYS C   OXT  sing N N 139 
LYS CB  CG   sing N N 140 
LYS CB  HB2  sing N N 141 
LYS CB  HB3  sing N N 142 
LYS CG  CD   sing N N 143 
LYS CG  HG2  sing N N 144 
LYS CG  HG3  sing N N 145 
LYS CD  CE   sing N N 146 
LYS CD  HD2  sing N N 147 
LYS CD  HD3  sing N N 148 
LYS CE  NZ   sing N N 149 
LYS CE  HE2  sing N N 150 
LYS CE  HE3  sing N N 151 
LYS NZ  HZ1  sing N N 152 
LYS NZ  HZ2  sing N N 153 
LYS NZ  HZ3  sing N N 154 
LYS OXT HXT  sing N N 155 
NH2 N   HN1  sing N N 156 
NH2 N   HN2  sing N N 157 
TYR N   CA   sing N N 158 
TYR N   H    sing N N 159 
TYR N   H2   sing N N 160 
TYR CA  C    sing N N 161 
TYR CA  CB   sing N N 162 
TYR CA  HA   sing N N 163 
TYR C   O    doub N N 164 
TYR C   OXT  sing N N 165 
TYR CB  CG   sing N N 166 
TYR CB  HB2  sing N N 167 
TYR CB  HB3  sing N N 168 
TYR CG  CD1  doub Y N 169 
TYR CG  CD2  sing Y N 170 
TYR CD1 CE1  sing Y N 171 
TYR CD1 HD1  sing N N 172 
TYR CD2 CE2  doub Y N 173 
TYR CD2 HD2  sing N N 174 
TYR CE1 CZ   doub Y N 175 
TYR CE1 HE1  sing N N 176 
TYR CE2 CZ   sing Y N 177 
TYR CE2 HE2  sing N N 178 
TYR CZ  OH   sing N N 179 
TYR OH  HH   sing N N 180 
TYR OXT HXT  sing N N 181 
# 
_pdbx_initial_refinement_model.accession_code   ? 
_pdbx_initial_refinement_model.id               1 
_pdbx_initial_refinement_model.entity_id_list   ? 
_pdbx_initial_refinement_model.type             'in silico model' 
_pdbx_initial_refinement_model.source_name      Other 
_pdbx_initial_refinement_model.details          'PREDICTED STRUCTURE' 
# 
_atom_sites.entry_id                    1RH4 
_atom_sites.fract_transf_matrix[1][1]   0.00192177 
_atom_sites.fract_transf_matrix[1][2]   0.00290746 
_atom_sites.fract_transf_matrix[1][3]   0.02639793 
_atom_sites.fract_transf_matrix[2][1]   -0.01120639 
_atom_sites.fract_transf_matrix[2][2]   -0.02390647 
_atom_sites.fract_transf_matrix[2][3]   0.00344887 
_atom_sites.fract_transf_matrix[3][1]   0.01693836 
_atom_sites.fract_transf_matrix[3][2]   -0.00799095 
_atom_sites.fract_transf_matrix[3][3]   -0.00035299 
_atom_sites.fract_transf_vector[1]      0.695975 
_atom_sites.fract_transf_vector[2]      0.042499 
_atom_sites.fract_transf_vector[3]      0.193028 
# 
loop_
_atom_type.symbol 
C 
H 
N 
O 
# 
loop_
_atom_site.group_PDB 
_atom_site.id 
_atom_site.type_symbol 
_atom_site.label_atom_id 
_atom_site.label_alt_id 
_atom_site.label_comp_id 
_atom_site.label_asym_id 
_atom_site.label_entity_id 
_atom_site.label_seq_id 
_atom_site.pdbx_PDB_ins_code 
_atom_site.Cartn_x 
_atom_site.Cartn_y 
_atom_site.Cartn_z 
_atom_site.occupancy 
_atom_site.B_iso_or_equiv 
_atom_site.pdbx_formal_charge 
_atom_site.auth_seq_id 
_atom_site.auth_comp_id 
_atom_site.auth_asym_id 
_atom_site.auth_atom_id 
_atom_site.pdbx_PDB_model_num 
HETATM 1   C C    . ACE A 1 1  ? -21.161 13.225  0.702  1.00 69.98  ? 0   ACE A C    1 
HETATM 2   O O    . ACE A 1 1  ? -20.120 12.769  0.217  1.00 69.10  ? 0   ACE A O    1 
HETATM 3   C CH3  . ACE A 1 1  ? -22.022 14.196  -0.084 1.00 71.56  ? 0   ACE A CH3  1 
ATOM   4   N N    . ALA A 1 2  ? -21.585 12.867  1.915  1.00 63.00  ? 1   ALA A N    1 
ATOM   5   C CA   . ALA A 1 2  ? -20.844 11.970  2.789  1.00 61.49  ? 1   ALA A CA   1 
ATOM   6   C C    . ALA A 1 2  ? -20.376 10.686  2.117  1.00 59.65  ? 1   ALA A C    1 
ATOM   7   O O    . ALA A 1 2  ? -19.192 10.355  2.188  1.00 62.01  ? 1   ALA A O    1 
ATOM   8   C CB   . ALA A 1 2  ? -21.692 11.573  3.987  1.00 51.07  ? 1   ALA A CB   1 
ATOM   9   H H    . ALA A 1 2  ? -22.439 13.227  2.235  1.00 0.00   ? 1   ALA A H    1 
ATOM   10  N N    . ALA A 1 3  ? -21.250 9.982   1.387  1.00 56.98  ? 2   ALA A N    1 
ATOM   11  C CA   . ALA A 1 3  ? -20.887 8.734   0.725  1.00 53.02  ? 2   ALA A CA   1 
ATOM   12  C C    . ALA A 1 3  ? -19.700 8.913   -0.212 1.00 52.79  ? 2   ALA A C    1 
ATOM   13  O O    . ALA A 1 3  ? -18.800 8.074   -0.223 1.00 49.52  ? 2   ALA A O    1 
ATOM   14  C CB   . ALA A 1 3  ? -22.050 8.200   -0.095 1.00 49.41  ? 2   ALA A CB   1 
ATOM   15  H H    . ALA A 1 3  ? -22.165 10.317  1.293  1.00 0.00   ? 2   ALA A H    1 
ATOM   16  N N    . LEU A 1 4  ? -19.642 10.020  -0.959 1.00 45.71  ? 3   LEU A N    1 
ATOM   17  C CA   . LEU A 1 4  ? -18.504 10.315  -1.818 1.00 55.41  ? 3   LEU A CA   1 
ATOM   18  C C    . LEU A 1 4  ? -17.215 10.384  -1.021 1.00 53.09  ? 3   LEU A C    1 
ATOM   19  O O    . LEU A 1 4  ? -16.223 9.750   -1.398 1.00 52.45  ? 3   LEU A O    1 
ATOM   20  C CB   . LEU A 1 4  ? -18.645 11.656  -2.540 1.00 53.52  ? 3   LEU A CB   1 
ATOM   21  C CG   . LEU A 1 4  ? -18.968 11.698  -4.024 1.00 59.77  ? 3   LEU A CG   1 
ATOM   22  C CD1  . LEU A 1 4  ? -18.535 13.057  -4.546 1.00 58.84  ? 3   LEU A CD1  1 
ATOM   23  C CD2  . LEU A 1 4  ? -18.204 10.641  -4.805 1.00 55.49  ? 3   LEU A CD2  1 
ATOM   24  H H    . LEU A 1 4  ? -20.389 10.653  -0.927 1.00 0.00   ? 3   LEU A H    1 
ATOM   25  N N    . ALA A 1 5  ? -17.206 11.097  0.108  1.00 32.08  ? 4   ALA A N    1 
ATOM   26  C CA   . ALA A 1 5  ? -15.997 11.208  0.904  1.00 45.59  ? 4   ALA A CA   1 
ATOM   27  C C    . ALA A 1 5  ? -15.662 9.846   1.489  1.00 46.88  ? 4   ALA A C    1 
ATOM   28  O O    . ALA A 1 5  ? -14.480 9.519   1.621  1.00 47.34  ? 4   ALA A O    1 
ATOM   29  C CB   . ALA A 1 5  ? -16.170 12.198  2.051  1.00 45.58  ? 4   ALA A CB   1 
ATOM   30  H H    . ALA A 1 5  ? -18.023 11.551  0.402  1.00 0.00   ? 4   ALA A H    1 
ATOM   31  N N    . GLN A 1 6  ? -16.669 9.023   1.788  1.00 39.00  ? 5   GLN A N    1 
ATOM   32  C CA   . GLN A 1 6  ? -16.448 7.691   2.314  1.00 43.00  ? 5   GLN A CA   1 
ATOM   33  C C    . GLN A 1 6  ? -15.761 6.841   1.246  1.00 44.44  ? 5   GLN A C    1 
ATOM   34  O O    . GLN A 1 6  ? -14.827 6.088   1.543  1.00 40.68  ? 5   GLN A O    1 
ATOM   35  C CB   . GLN A 1 6  ? -17.774 7.054   2.698  1.00 38.11  ? 5   GLN A CB   1 
ATOM   36  C CG   . GLN A 1 6  ? -17.613 5.746   3.454  1.00 56.54  ? 5   GLN A CG   1 
ATOM   37  C CD   . GLN A 1 6  ? -18.858 4.875   3.477  1.00 77.10  ? 5   GLN A CD   1 
ATOM   38  O OE1  . GLN A 1 6  ? -19.617 4.808   4.437  1.00 71.44  ? 5   GLN A OE1  1 
ATOM   39  N NE2  . GLN A 1 6  ? -19.114 4.128   2.417  1.00 71.98  ? 5   GLN A NE2  1 
ATOM   40  H H    . GLN A 1 6  ? -17.583 9.359   1.680  1.00 0.00   ? 5   GLN A H    1 
ATOM   41  H HE21 . GLN A 1 6  ? -19.940 3.603   2.458  1.00 0.00   ? 5   GLN A HE21 1 
ATOM   42  H HE22 . GLN A 1 6  ? -18.492 4.142   1.664  1.00 0.00   ? 5   GLN A HE22 1 
HETATM 43  N N    . IIL A 1 7  ? -16.176 6.952   -0.015 1.00 31.56  ? 6   IIL A N    1 
HETATM 44  C CA   . IIL A 1 7  ? -15.564 6.175   -1.085 1.00 41.14  ? 6   IIL A CA   1 
HETATM 45  C C    . IIL A 1 7  ? -14.103 6.584   -1.223 1.00 39.16  ? 6   IIL A C    1 
HETATM 46  O O    . IIL A 1 7  ? -13.218 5.725   -1.290 1.00 33.47  ? 6   IIL A O    1 
HETATM 47  C CB   . IIL A 1 7  ? -16.341 6.408   -2.432 1.00 36.67  ? 6   IIL A CB   1 
HETATM 48  C CG2  . IIL A 1 7  ? -17.727 5.772   -2.307 1.00 34.22  ? 6   IIL A CG2  1 
HETATM 49  C CG1  . IIL A 1 7  ? -15.601 5.791   -3.633 1.00 44.96  ? 6   IIL A CG1  1 
HETATM 50  C CD1  . IIL A 1 7  ? -16.279 5.866   -5.017 1.00 43.62  ? 6   IIL A CD1  1 
HETATM 51  H H    . IIL A 1 7  ? -16.905 7.569   -0.233 1.00 0.00   ? 6   IIL A H    1 
ATOM   52  N N    . LYS A 1 8  ? -13.849 7.894   -1.190 1.00 28.85  ? 7   LYS A N    1 
ATOM   53  C CA   . LYS A 1 8  ? -12.511 8.436   -1.344 1.00 35.08  ? 7   LYS A CA   1 
ATOM   54  C C    . LYS A 1 8  ? -11.582 7.924   -0.255 1.00 40.15  ? 7   LYS A C    1 
ATOM   55  O O    . LYS A 1 8  ? -10.468 7.484   -0.547 1.00 35.85  ? 7   LYS A O    1 
ATOM   56  C CB   . LYS A 1 8  ? -12.552 9.951   -1.287 1.00 38.38  ? 7   LYS A CB   1 
ATOM   57  C CG   . LYS A 1 8  ? -11.211 10.549  -1.692 1.00 49.11  ? 7   LYS A CG   1 
ATOM   58  C CD   . LYS A 1 8  ? -11.094 12.017  -1.330 1.00 59.42  ? 7   LYS A CD   1 
ATOM   59  C CE   . LYS A 1 8  ? -11.145 12.289  0.174  1.00 75.97  ? 7   LYS A CE   1 
ATOM   60  N NZ   . LYS A 1 8  ? -10.129 11.545  0.898  1.00 83.63  ? 7   LYS A NZ   1 
ATOM   61  H H    . LYS A 1 8  ? -14.595 8.515   -1.056 1.00 0.00   ? 7   LYS A H    1 
ATOM   62  H HZ1  . LYS A 1 8  ? -9.187  11.817  0.551  1.00 0.00   ? 7   LYS A HZ1  1 
ATOM   63  H HZ2  . LYS A 1 8  ? -10.200 11.759  1.914  1.00 0.00   ? 7   LYS A HZ2  1 
ATOM   64  H HZ3  . LYS A 1 8  ? -10.272 10.526  0.749  1.00 0.00   ? 7   LYS A HZ3  1 
ATOM   65  N N    . LYS A 1 9  ? -12.030 7.987   0.997  1.00 30.51  ? 8   LYS A N    1 
ATOM   66  C CA   . LYS A 1 9  ? -11.286 7.506   2.149  1.00 31.25  ? 8   LYS A CA   1 
ATOM   67  C C    . LYS A 1 9  ? -10.964 6.027   2.045  1.00 33.79  ? 8   LYS A C    1 
ATOM   68  O O    . LYS A 1 9  ? -9.840  5.616   2.329  1.00 33.36  ? 8   LYS A O    1 
ATOM   69  C CB   . LYS A 1 9  ? -12.086 7.734   3.423  1.00 29.31  ? 8   LYS A CB   1 
ATOM   70  C CG   . LYS A 1 9  ? -11.479 8.766   4.367  1.00 53.68  ? 8   LYS A CG   1 
ATOM   71  C CD   . LYS A 1 9  ? -11.535 10.198  3.858  1.00 72.35  ? 8   LYS A CD   1 
ATOM   72  C CE   . LYS A 1 9  ? -12.862 10.844  4.209  1.00 96.32  ? 8   LYS A CE   1 
ATOM   73  N NZ   . LYS A 1 9  ? -12.889 12.221  3.754  1.00 94.15  ? 8   LYS A NZ   1 
ATOM   74  H H    . LYS A 1 9  ? -12.913 8.381   1.151  1.00 0.00   ? 8   LYS A H    1 
ATOM   75  H HZ1  . LYS A 1 9  ? -12.121 12.753  4.212  1.00 0.00   ? 8   LYS A HZ1  1 
ATOM   76  H HZ2  . LYS A 1 9  ? -12.761 12.248  2.722  1.00 0.00   ? 8   LYS A HZ2  1 
ATOM   77  H HZ3  . LYS A 1 9  ? -13.803 12.651  4.002  1.00 0.00   ? 8   LYS A HZ3  1 
ATOM   78  N N    . GLU A 1 10 ? -11.917 5.206   1.619  1.00 25.34  ? 9   GLU A N    1 
ATOM   79  C CA   . GLU A 1 10 ? -11.701 3.777   1.485  1.00 30.93  ? 9   GLU A CA   1 
ATOM   80  C C    . GLU A 1 10 ? -10.743 3.439   0.352  1.00 35.59  ? 9   GLU A C    1 
ATOM   81  O O    . GLU A 1 10 ? -9.884  2.578   0.560  1.00 30.90  ? 9   GLU A O    1 
ATOM   82  C CB   . GLU A 1 10 ? -13.042 3.094   1.273  1.00 27.08  ? 9   GLU A CB   1 
ATOM   83  C CG   . GLU A 1 10 ? -13.860 3.009   2.565  1.00 30.32  ? 9   GLU A CG   1 
ATOM   84  C CD   . GLU A 1 10 ? -15.268 2.457   2.430  1.00 47.62  ? 9   GLU A CD   1 
ATOM   85  O OE1  . GLU A 1 10 ? -15.609 1.881   1.407  1.00 44.39  ? 9   GLU A OE1  1 
ATOM   86  O OE2  . GLU A 1 10 ? -16.039 2.601   3.365  1.00 36.21  ? 9   GLU A OE2  1 
ATOM   87  H H    . GLU A 1 10 ? -12.794 5.577   1.387  1.00 0.00   ? 9   GLU A H    1 
ATOM   88  N N    . ILE A 1 11 ? -10.818 4.084   -0.820 1.00 26.28  ? 10  ILE A N    1 
ATOM   89  C CA   . ILE A 1 11 ? -9.855  3.871   -1.905 1.00 29.72  ? 10  ILE A CA   1 
ATOM   90  C C    . ILE A 1 11 ? -8.469  4.313   -1.444 1.00 29.52  ? 10  ILE A C    1 
ATOM   91  O O    . ILE A 1 11 ? -7.485  3.607   -1.651 1.00 34.72  ? 10  ILE A O    1 
ATOM   92  C CB   . ILE A 1 11 ? -10.265 4.669   -3.157 1.00 25.37  ? 10  ILE A CB   1 
ATOM   93  C CG1  . ILE A 1 11 ? -11.492 3.996   -3.738 1.00 23.85  ? 10  ILE A CG1  1 
ATOM   94  C CG2  . ILE A 1 11 ? -9.143  4.728   -4.208 1.00 19.33  ? 10  ILE A CG2  1 
ATOM   95  C CD1  . ILE A 1 11 ? -12.165 4.821   -4.853 1.00 34.82  ? 10  ILE A CD1  1 
ATOM   96  H H    . ILE A 1 11 ? -11.546 4.724   -0.958 1.00 0.00   ? 10  ILE A H    1 
ATOM   97  N N    . ALA A 1 12 ? -8.365  5.451   -0.751 1.00 24.21  ? 11  ALA A N    1 
ATOM   98  C CA   . ALA A 1 12 ? -7.104  5.964   -0.234 1.00 27.40  ? 11  ALA A CA   1 
ATOM   99  C C    . ALA A 1 12 ? -6.432  4.941   0.651  1.00 28.29  ? 11  ALA A C    1 
ATOM   100 O O    . ALA A 1 12 ? -5.223  4.707   0.535  1.00 31.57  ? 11  ALA A O    1 
ATOM   101 C CB   . ALA A 1 12 ? -7.287  7.225   0.611  1.00 20.99  ? 11  ALA A CB   1 
ATOM   102 H H    . ALA A 1 12 ? -9.180  5.968   -0.582 1.00 0.00   ? 11  ALA A H    1 
ATOM   103 N N    . TYR A 1 13 ? -7.229  4.316   1.511  1.00 21.35  ? 12  TYR A N    1 
ATOM   104 C CA   . TYR A 1 13 ? -6.744  3.273   2.390  1.00 25.05  ? 12  TYR A CA   1 
ATOM   105 C C    . TYR A 1 13 ? -6.220  2.095   1.589  1.00 28.51  ? 12  TYR A C    1 
ATOM   106 O O    . TYR A 1 13 ? -5.155  1.556   1.896  1.00 29.96  ? 12  TYR A O    1 
ATOM   107 C CB   . TYR A 1 13 ? -7.856  2.794   3.300  1.00 26.88  ? 12  TYR A CB   1 
ATOM   108 C CG   . TYR A 1 13 ? -7.423  1.651   4.196  1.00 21.03  ? 12  TYR A CG   1 
ATOM   109 C CD1  . TYR A 1 13 ? -6.526  1.914   5.227  1.00 27.53  ? 12  TYR A CD1  1 
ATOM   110 C CD2  . TYR A 1 13 ? -7.930  0.358   3.994  1.00 22.57  ? 12  TYR A CD2  1 
ATOM   111 C CE1  . TYR A 1 13 ? -6.140  0.880   6.070  1.00 29.26  ? 12  TYR A CE1  1 
ATOM   112 C CE2  . TYR A 1 13 ? -7.544  -0.678  4.842  1.00 25.01  ? 12  TYR A CE2  1 
ATOM   113 C CZ   . TYR A 1 13 ? -6.653  -0.396  5.874  1.00 29.68  ? 12  TYR A CZ   1 
ATOM   114 O OH   . TYR A 1 13 ? -6.258  -1.393  6.729  1.00 31.91  ? 12  TYR A OH   1 
ATOM   115 H H    . TYR A 1 13 ? -8.175  4.568   1.551  1.00 0.00   ? 12  TYR A H    1 
ATOM   116 H HH   . TYR A 1 13 ? -6.684  -2.216  6.479  1.00 0.00   ? 12  TYR A HH   1 
ATOM   117 N N    . LEU A 1 14 ? -6.951  1.667   0.567  1.00 21.09  ? 13  LEU A N    1 
ATOM   118 C CA   . LEU A 1 14 ? -6.533  0.535   -0.241 1.00 30.81  ? 13  LEU A CA   1 
ATOM   119 C C    . LEU A 1 14 ? -5.258  0.824   -1.011 1.00 27.96  ? 13  LEU A C    1 
ATOM   120 O O    . LEU A 1 14 ? -4.400  -0.046  -1.157 1.00 28.79  ? 13  LEU A O    1 
ATOM   121 C CB   . LEU A 1 14 ? -7.636  0.150   -1.210 1.00 28.96  ? 13  LEU A CB   1 
ATOM   122 C CG   . LEU A 1 14 ? -8.928  -0.425  -0.604 1.00 44.77  ? 13  LEU A CG   1 
ATOM   123 C CD1  . LEU A 1 14 ? -9.862  -0.803  -1.737 1.00 48.54  ? 13  LEU A CD1  1 
ATOM   124 C CD2  . LEU A 1 14 ? -8.639  -1.658  0.256  1.00 34.16  ? 13  LEU A CD2  1 
ATOM   125 H H    . LEU A 1 14 ? -7.790  2.126   0.352  1.00 0.00   ? 13  LEU A H    1 
ATOM   126 N N    . LEU A 1 15 ? -5.085  2.033   -1.516 1.00 28.84  ? 14  LEU A N    1 
ATOM   127 C CA   . LEU A 1 15 ? -3.851  2.455   -2.161 1.00 34.76  ? 14  LEU A CA   1 
ATOM   128 C C    . LEU A 1 15 ? -2.678  2.340   -1.205 1.00 38.48  ? 14  LEU A C    1 
ATOM   129 O O    . LEU A 1 15 ? -1.644  1.778   -1.558 1.00 30.83  ? 14  LEU A O    1 
ATOM   130 C CB   . LEU A 1 15 ? -3.971  3.901   -2.633 1.00 32.83  ? 14  LEU A CB   1 
ATOM   131 C CG   . LEU A 1 15 ? -4.797  4.112   -3.889 1.00 37.06  ? 14  LEU A CG   1 
ATOM   132 C CD1  . LEU A 1 15 ? -5.037  5.594   -4.099 1.00 33.51  ? 14  LEU A CD1  1 
ATOM   133 C CD2  . LEU A 1 15 ? -4.072  3.508   -5.073 1.00 33.70  ? 14  LEU A CD2  1 
ATOM   134 H H    . LEU A 1 15 ? -5.822  2.676   -1.453 1.00 0.00   ? 14  LEU A H    1 
ATOM   135 N N    . ALA A 1 16 ? -2.822  2.826   0.028  1.00 36.31  ? 15  ALA A N    1 
ATOM   136 C CA   . ALA A 1 16 ? -1.743  2.788   0.998  1.00 34.61  ? 15  ALA A CA   1 
ATOM   137 C C    . ALA A 1 16 ? -1.415  1.340   1.329  1.00 31.05  ? 15  ALA A C    1 
ATOM   138 O O    . ALA A 1 16 ? -0.257  0.985   1.533  1.00 32.45  ? 15  ALA A O    1 
ATOM   139 C CB   . ALA A 1 16 ? -2.149  3.500   2.277  1.00 36.01  ? 15  ALA A CB   1 
ATOM   140 H H    . ALA A 1 16 ? -3.681  3.221   0.288  1.00 0.00   ? 15  ALA A H    1 
ATOM   141 N N    . LYS A 1 17 ? -2.400  0.460   1.388  1.00 29.99  ? 16  LYS A N    1 
ATOM   142 C CA   . LYS A 1 17 ? -2.188  -0.946  1.647  1.00 33.02  ? 16  LYS A CA   1 
ATOM   143 C C    . LYS A 1 17 ? -1.426  -1.578  0.492  1.00 42.31  ? 16  LYS A C    1 
ATOM   144 O O    . LYS A 1 17 ? -0.501  -2.351  0.732  1.00 28.46  ? 16  LYS A O    1 
ATOM   145 C CB   . LYS A 1 17 ? -3.557  -1.552  1.840  1.00 29.38  ? 16  LYS A CB   1 
ATOM   146 C CG   . LYS A 1 17 ? -3.556  -2.904  2.491  1.00 42.43  ? 16  LYS A CG   1 
ATOM   147 C CD   . LYS A 1 17 ? -4.944  -3.196  3.001  1.00 54.24  ? 16  LYS A CD   1 
ATOM   148 C CE   . LYS A 1 17 ? -4.904  -4.634  3.438  1.00 66.08  ? 16  LYS A CE   1 
ATOM   149 N NZ   . LYS A 1 17 ? -6.239  -5.179  3.540  1.00 76.50  ? 16  LYS A NZ   1 
ATOM   150 H H    . LYS A 1 17 ? -3.317  0.776   1.249  1.00 0.00   ? 16  LYS A H    1 
ATOM   151 H HZ1  . LYS A 1 17 ? -6.708  -5.123  2.614  1.00 0.00   ? 16  LYS A HZ1  1 
ATOM   152 H HZ2  . LYS A 1 17 ? -6.186  -6.172  3.844  1.00 0.00   ? 16  LYS A HZ2  1 
ATOM   153 H HZ3  . LYS A 1 17 ? -6.784  -4.632  4.238  1.00 0.00   ? 16  LYS A HZ3  1 
HETATM 154 N N    . IIL A 1 18 ? -1.747  -1.243  -0.762 1.00 31.28  ? 17  IIL A N    1 
HETATM 155 C CA   . IIL A 1 18 ? -1.059  -1.809  -1.922 1.00 25.81  ? 17  IIL A CA   1 
HETATM 156 C C    . IIL A 1 18 ? 0.392   -1.345  -1.920 1.00 34.27  ? 17  IIL A C    1 
HETATM 157 O O    . IIL A 1 18 ? 1.328   -2.120  -2.103 1.00 27.88  ? 17  IIL A O    1 
HETATM 158 C CB   . IIL A 1 18 ? -1.774  -1.360  -3.217 1.00 23.02  ? 17  IIL A CB   1 
HETATM 159 C CG2  . IIL A 1 18 ? -2.987  -2.252  -3.345 1.00 22.97  ? 17  IIL A CG2  1 
HETATM 160 C CG1  . IIL A 1 18 ? -0.967  -1.549  -4.497 1.00 29.30  ? 17  IIL A CG1  1 
HETATM 161 C CD1  . IIL A 1 18 ? -1.586  -0.995  -5.792 1.00 28.24  ? 17  IIL A CD1  1 
HETATM 162 H H    . IIL A 1 18 ? -2.468  -0.597  -0.908 1.00 0.00   ? 17  IIL A H    1 
ATOM   163 N N    . LYS A 1 19 ? 0.624   -0.074  -1.657 1.00 27.57  ? 18  LYS A N    1 
ATOM   164 C CA   . LYS A 1 19 ? 1.965   0.473   -1.597 1.00 34.90  ? 18  LYS A CA   1 
ATOM   165 C C    . LYS A 1 19 ? 2.787   -0.222  -0.514 1.00 35.99  ? 18  LYS A C    1 
ATOM   166 O O    . LYS A 1 19 ? 3.855   -0.748  -0.826 1.00 30.19  ? 18  LYS A O    1 
ATOM   167 C CB   . LYS A 1 19 ? 1.901   1.961   -1.310 1.00 27.81  ? 18  LYS A CB   1 
ATOM   168 C CG   . LYS A 1 19 ? 3.251   2.616   -1.502 1.00 47.34  ? 18  LYS A CG   1 
ATOM   169 C CD   . LYS A 1 19 ? 3.248   3.978   -0.862 1.00 35.85  ? 18  LYS A CD   1 
ATOM   170 C CE   . LYS A 1 19 ? 3.049   3.850   0.640  1.00 38.01  ? 18  LYS A CE   1 
ATOM   171 N NZ   . LYS A 1 19 ? 3.242   5.139   1.274  1.00 58.81  ? 18  LYS A NZ   1 
ATOM   172 H H    . LYS A 1 19 ? -0.136  0.522   -1.497 1.00 0.00   ? 18  LYS A H    1 
ATOM   173 H HZ1  . LYS A 1 19 ? 2.554   5.819   0.893  1.00 0.00   ? 18  LYS A HZ1  1 
ATOM   174 H HZ2  . LYS A 1 19 ? 3.105   5.044   2.300  1.00 0.00   ? 18  LYS A HZ2  1 
ATOM   175 H HZ3  . LYS A 1 19 ? 4.206   5.478   1.084  1.00 0.00   ? 18  LYS A HZ3  1 
ATOM   176 N N    . ALA A 1 20 ? 2.307   -0.305  0.726  1.00 30.22  ? 19  ALA A N    1 
ATOM   177 C CA   . ALA A 1 20 ? 3.042   -0.941  1.809  1.00 31.50  ? 19  ALA A CA   1 
ATOM   178 C C    . ALA A 1 20 ? 3.379   -2.388  1.477  1.00 38.37  ? 19  ALA A C    1 
ATOM   179 O O    . ALA A 1 20 ? 4.497   -2.837  1.721  1.00 34.53  ? 19  ALA A O    1 
ATOM   180 C CB   . ALA A 1 20 ? 2.219   -0.907  3.094  1.00 22.71  ? 19  ALA A CB   1 
ATOM   181 H H    . ALA A 1 20 ? 1.425   0.077   0.917  1.00 0.00   ? 19  ALA A H    1 
ATOM   182 N N    . GLU A 1 21 ? 2.461   -3.132  0.864  1.00 31.02  ? 20  GLU A N    1 
ATOM   183 C CA   . GLU A 1 21 ? 2.720   -4.518  0.518  1.00 33.57  ? 20  GLU A CA   1 
ATOM   184 C C    . GLU A 1 21 ? 3.779   -4.661  -0.562 1.00 37.97  ? 20  GLU A C    1 
ATOM   185 O O    . GLU A 1 21 ? 4.629   -5.557  -0.504 1.00 35.92  ? 20  GLU A O    1 
ATOM   186 C CB   . GLU A 1 21 ? 1.435   -5.177  0.058  1.00 33.97  ? 20  GLU A CB   1 
ATOM   187 C CG   . GLU A 1 21 ? 0.471   -5.338  1.234  1.00 52.46  ? 20  GLU A CG   1 
ATOM   188 C CD   . GLU A 1 21 ? -0.861  -6.023  0.958  1.00 58.58  ? 20  GLU A CD   1 
ATOM   189 O OE1  . GLU A 1 21 ? -1.032  -6.656  -0.078 1.00 64.67  ? 20  GLU A OE1  1 
ATOM   190 O OE2  . GLU A 1 21 ? -1.734  -5.941  1.816  1.00 62.92  ? 20  GLU A OE2  1 
ATOM   191 H H    . GLU A 1 21 ? 1.593   -2.736  0.641  1.00 0.00   ? 20  GLU A H    1 
ATOM   192 N N    . ILE A 1 22 ? 3.795   -3.766  -1.541 1.00 30.67  ? 21  ILE A N    1 
ATOM   193 C CA   . ILE A 1 22 ? 4.773   -3.839  -2.610 1.00 37.02  ? 21  ILE A CA   1 
ATOM   194 C C    . ILE A 1 22 ? 6.132   -3.485  -2.016 1.00 33.76  ? 21  ILE A C    1 
ATOM   195 O O    . ILE A 1 22 ? 7.129   -4.169  -2.267 1.00 33.85  ? 21  ILE A O    1 
ATOM   196 C CB   . ILE A 1 22 ? 4.344   -2.869  -3.743 1.00 28.23  ? 21  ILE A CB   1 
ATOM   197 C CG1  . ILE A 1 22 ? 3.124   -3.466  -4.437 1.00 31.24  ? 21  ILE A CG1  1 
ATOM   198 C CG2  . ILE A 1 22 ? 5.459   -2.657  -4.772 1.00 24.16  ? 21  ILE A CG2  1 
ATOM   199 C CD1  . ILE A 1 22 ? 2.482   -2.555  -5.500 1.00 27.91  ? 21  ILE A CD1  1 
ATOM   200 H H    . ILE A 1 22 ? 3.135   -3.042  -1.541 1.00 0.00   ? 21  ILE A H    1 
ATOM   201 N N    . LEU A 1 23 ? 6.217   -2.480  -1.151 1.00 33.40  ? 22  LEU A N    1 
ATOM   202 C CA   . LEU A 1 23 ? 7.503   -2.073  -0.613 1.00 42.45  ? 22  LEU A CA   1 
ATOM   203 C C    . LEU A 1 23 ? 7.983   -3.144  0.338  1.00 42.25  ? 22  LEU A C    1 
ATOM   204 O O    . LEU A 1 23 ? 9.188   -3.341  0.455  1.00 46.40  ? 22  LEU A O    1 
ATOM   205 C CB   . LEU A 1 23 ? 7.385   -0.704  0.089  1.00 34.49  ? 22  LEU A CB   1 
ATOM   206 C CG   . LEU A 1 23 ? 7.044   0.474   -0.842 1.00 33.23  ? 22  LEU A CG   1 
ATOM   207 C CD1  . LEU A 1 23 ? 6.896   1.731   -0.036 1.00 30.37  ? 22  LEU A CD1  1 
ATOM   208 C CD2  . LEU A 1 23 ? 8.132   0.671   -1.871 1.00 35.99  ? 22  LEU A CD2  1 
ATOM   209 H H    . LEU A 1 23 ? 5.404   -2.009  -0.872 1.00 0.00   ? 22  LEU A H    1 
ATOM   210 N N    . ALA A 1 24 ? 7.084   -3.910  0.957  1.00 40.87  ? 23  ALA A N    1 
ATOM   211 C CA   . ALA A 1 24 ? 7.463   -5.027  1.804  1.00 41.96  ? 23  ALA A CA   1 
ATOM   212 C C    . ALA A 1 24 ? 8.193   -6.049  0.942  1.00 43.72  ? 23  ALA A C    1 
ATOM   213 O O    . ALA A 1 24 ? 9.329   -6.416  1.245  1.00 62.03  ? 23  ALA A O    1 
ATOM   214 C CB   . ALA A 1 24 ? 6.245   -5.711  2.406  1.00 37.90  ? 23  ALA A CB   1 
ATOM   215 H H    . ALA A 1 24 ? 6.132   -3.712  0.836  1.00 0.00   ? 23  ALA A H    1 
ATOM   216 N N    . ALA A 1 25 ? 7.630   -6.500  -0.176 1.00 37.29  ? 24  ALA A N    1 
ATOM   217 C CA   . ALA A 1 25 ? 8.297   -7.469  -1.027 1.00 39.42  ? 24  ALA A CA   1 
ATOM   218 C C    . ALA A 1 25 ? 9.593   -6.916  -1.591 1.00 47.71  ? 24  ALA A C    1 
ATOM   219 O O    . ALA A 1 25 ? 10.573  -7.657  -1.661 1.00 50.31  ? 24  ALA A O    1 
ATOM   220 C CB   . ALA A 1 25 ? 7.419   -7.874  -2.200 1.00 44.40  ? 24  ALA A CB   1 
ATOM   221 H H    . ALA A 1 25 ? 6.743   -6.170  -0.432 1.00 0.00   ? 24  ALA A H    1 
ATOM   222 N N    . LEU A 1 26 ? 9.685   -5.632  -1.941 1.00 38.18  ? 25  LEU A N    1 
ATOM   223 C CA   . LEU A 1 26 ? 10.923  -5.077  -2.462 1.00 41.46  ? 25  LEU A CA   1 
ATOM   224 C C    . LEU A 1 26 ? 12.016  -5.146  -1.417 1.00 50.21  ? 25  LEU A C    1 
ATOM   225 O O    . LEU A 1 26 ? 13.151  -5.502  -1.727 1.00 46.39  ? 25  LEU A O    1 
ATOM   226 C CB   . LEU A 1 26 ? 10.748  -3.629  -2.864 1.00 40.50  ? 25  LEU A CB   1 
ATOM   227 C CG   . LEU A 1 26 ? 10.276  -3.380  -4.270 1.00 48.07  ? 25  LEU A CG   1 
ATOM   228 C CD1  . LEU A 1 26 ? 9.885   -1.927  -4.414 1.00 55.64  ? 25  LEU A CD1  1 
ATOM   229 C CD2  . LEU A 1 26 ? 11.385  -3.754  -5.244 1.00 47.82  ? 25  LEU A CD2  1 
ATOM   230 H H    . LEU A 1 26 ? 8.902   -5.050  -1.844 1.00 0.00   ? 25  LEU A H    1 
ATOM   231 N N    . LYS A 1 27 ? 11.699  -4.837  -0.164 1.00 51.10  ? 26  LYS A N    1 
ATOM   232 C CA   . LYS A 1 27 ? 12.676  -4.890  0.902  1.00 57.34  ? 26  LYS A CA   1 
ATOM   233 C C    . LYS A 1 27 ? 13.092  -6.320  1.118  1.00 50.15  ? 26  LYS A C    1 
ATOM   234 O O    . LYS A 1 27 ? 14.264  -6.528  1.421  1.00 65.08  ? 26  LYS A O    1 
ATOM   235 C CB   . LYS A 1 27 ? 12.129  -4.361  2.205  1.00 54.99  ? 26  LYS A CB   1 
ATOM   236 C CG   . LYS A 1 27 ? 12.139  -2.850  2.177  1.00 54.98  ? 26  LYS A CG   1 
ATOM   237 C CD   . LYS A 1 27 ? 11.240  -2.367  3.284  1.00 82.90  ? 26  LYS A CD   1 
ATOM   238 C CE   . LYS A 1 27 ? 11.087  -0.875  3.148  1.00 95.21  ? 26  LYS A CE   1 
ATOM   239 N NZ   . LYS A 1 27 ? 10.064  -0.390  4.050  1.00 96.43  ? 26  LYS A NZ   1 
ATOM   240 H H    . LYS A 1 27 ? 10.780  -4.567  0.044  1.00 0.00   ? 26  LYS A H    1 
ATOM   241 H HZ1  . LYS A 1 27 ? 9.158   -0.845  3.822  1.00 0.00   ? 26  LYS A HZ1  1 
ATOM   242 H HZ2  . LYS A 1 27 ? 10.330  -0.616  5.030  1.00 0.00   ? 26  LYS A HZ2  1 
ATOM   243 H HZ3  . LYS A 1 27 ? 9.970   0.641   3.945  1.00 0.00   ? 26  LYS A HZ3  1 
ATOM   244 N N    . LYS A 1 28 ? 12.234  -7.330  0.976  1.00 55.61  ? 27  LYS A N    1 
ATOM   245 C CA   . LYS A 1 28 ? 12.686  -8.706  1.107  1.00 63.92  ? 27  LYS A CA   1 
ATOM   246 C C    . LYS A 1 28 ? 13.719  -8.975  0.019  1.00 66.01  ? 27  LYS A C    1 
ATOM   247 O O    . LYS A 1 28 ? 14.755  -9.575  0.307  1.00 73.40  ? 27  LYS A O    1 
ATOM   248 C CB   . LYS A 1 28 ? 11.495  -9.667  0.998  1.00 55.01  ? 27  LYS A CB   1 
ATOM   249 C CG   . LYS A 1 28 ? 10.697  -9.543  2.293  1.00 56.21  ? 27  LYS A CG   1 
ATOM   250 C CD   . LYS A 1 28 ? 9.494   -10.465 2.346  1.00 67.58  ? 27  LYS A CD   1 
ATOM   251 C CE   . LYS A 1 28 ? 8.541   -9.924  3.394  1.00 82.78  ? 27  LYS A CE   1 
ATOM   252 N NZ   . LYS A 1 28 ? 7.328   -10.716 3.428  1.00 85.62  ? 27  LYS A NZ   1 
ATOM   253 H H    . LYS A 1 28 ? 11.291  -7.145  0.782  1.00 0.00   ? 27  LYS A H    1 
ATOM   254 H HZ1  . LYS A 1 28 ? 6.866   -10.680 2.497  1.00 0.00   ? 27  LYS A HZ1  1 
ATOM   255 H HZ2  . LYS A 1 28 ? 7.564   -11.702 3.660  1.00 0.00   ? 27  LYS A HZ2  1 
ATOM   256 H HZ3  . LYS A 1 28 ? 6.684   -10.334 4.150  1.00 0.00   ? 27  LYS A HZ3  1 
HETATM 257 N N    . IIL A 1 29 ? 13.530  -8.458  -1.195 1.00 70.54  ? 28  IIL A N    1 
HETATM 258 C CA   . IIL A 1 29 ? 14.527  -8.598  -2.252 1.00 70.40  ? 28  IIL A CA   1 
HETATM 259 C C    . IIL A 1 29 ? 15.821  -7.809  -1.937 1.00 65.68  ? 28  IIL A C    1 
HETATM 260 O O    . IIL A 1 29 ? 16.896  -8.412  -2.058 1.00 70.42  ? 28  IIL A O    1 
HETATM 261 C CB   . IIL A 1 29 ? 13.913  -8.141  -3.609 1.00 68.01  ? 28  IIL A CB   1 
HETATM 262 C CG2  . IIL A 1 29 ? 12.532  -8.760  -3.835 1.00 61.72  ? 28  IIL A CG2  1 
HETATM 263 C CG1  . IIL A 1 29 ? 14.843  -8.557  -4.736 1.00 74.36  ? 28  IIL A CG1  1 
HETATM 264 C CD1  . IIL A 1 29 ? 14.357  -8.078  -6.111 1.00 71.98  ? 28  IIL A CD1  1 
HETATM 265 H H    . IIL A 1 29 ? 12.701  -7.972  -1.383 1.00 0.00   ? 28  IIL A H    1 
ATOM   266 N N    . LYS A 1 30 ? 15.805  -6.556  -1.516 1.00 67.24  ? 29  LYS A N    1 
ATOM   267 C CA   . LYS A 1 30 ? 17.015  -5.833  -1.175 1.00 68.19  ? 29  LYS A CA   1 
ATOM   268 C C    . LYS A 1 30 ? 17.710  -6.519  0.001  1.00 79.39  ? 29  LYS A C    1 
ATOM   269 O O    . LYS A 1 30 ? 18.942  -6.532  0.075  1.00 86.78  ? 29  LYS A O    1 
ATOM   270 C CB   . LYS A 1 30 ? 16.623  -4.404  -0.835 1.00 69.19  ? 29  LYS A CB   1 
ATOM   271 C CG   . LYS A 1 30 ? 17.751  -3.445  -0.528 1.00 82.34  ? 29  LYS A CG   1 
ATOM   272 C CD   . LYS A 1 30 ? 17.150  -2.089  -0.217 1.00 100.21 ? 29  LYS A CD   1 
ATOM   273 C CE   . LYS A 1 30 ? 18.268  -1.201  0.296  1.00 132.87 ? 29  LYS A CE   1 
ATOM   274 N NZ   . LYS A 1 30 ? 17.744  0.086   0.699  1.00 145.06 ? 29  LYS A NZ   1 
ATOM   275 H H    . LYS A 1 30 ? 14.944  -6.096  -1.443 1.00 0.00   ? 29  LYS A H    1 
ATOM   276 H HZ1  . LYS A 1 30 ? 16.972  -0.064  1.385  1.00 0.00   ? 29  LYS A HZ1  1 
ATOM   277 H HZ2  . LYS A 1 30 ? 18.511  0.639   1.142  1.00 0.00   ? 29  LYS A HZ2  1 
ATOM   278 H HZ3  . LYS A 1 30 ? 17.383  0.578   -0.144 1.00 0.00   ? 29  LYS A HZ3  1 
ATOM   279 N N    . GLN A 1 31 ? 16.947  -7.145  0.903  1.00 88.62  ? 30  GLN A N    1 
ATOM   280 C CA   . GLN A 1 31 ? 17.494  -7.844  2.056  1.00 89.72  ? 30  GLN A CA   1 
ATOM   281 C C    . GLN A 1 31 ? 18.205  -9.100  1.579  1.00 88.10  ? 30  GLN A C    1 
ATOM   282 O O    . GLN A 1 31 ? 19.316  -9.363  2.040  1.00 88.80  ? 30  GLN A O    1 
ATOM   283 C CB   . GLN A 1 31 ? 16.379  -8.221  3.031  1.00 89.52  ? 30  GLN A CB   1 
ATOM   284 C CG   . GLN A 1 31 ? 16.827  -8.617  4.437  1.00 94.07  ? 30  GLN A CG   1 
ATOM   285 C CD   . GLN A 1 31 ? 15.692  -8.742  5.449  1.00 99.78  ? 30  GLN A CD   1 
ATOM   286 O OE1  . GLN A 1 31 ? 15.680  -9.632  6.299  1.00 109.71 ? 30  GLN A OE1  1 
ATOM   287 N NE2  . GLN A 1 31 ? 14.709  -7.852  5.462  1.00 107.58 ? 30  GLN A NE2  1 
ATOM   288 H H    . GLN A 1 31 ? 15.976  -7.144  0.772  1.00 0.00   ? 30  GLN A H    1 
ATOM   289 H HE21 . GLN A 1 31 ? 13.950  -8.027  6.066  1.00 0.00   ? 30  GLN A HE21 1 
ATOM   290 H HE22 . GLN A 1 31 ? 14.748  -7.086  4.857  1.00 0.00   ? 30  GLN A HE22 1 
ATOM   291 N N    . GLU A 1 32 ? 17.616  -9.860  0.651  1.00 80.11  ? 31  GLU A N    1 
ATOM   292 C CA   . GLU A 1 32 ? 18.229  -11.061 0.095  1.00 80.55  ? 31  GLU A CA   1 
ATOM   293 C C    . GLU A 1 32 ? 19.608  -10.746 -0.475 1.00 79.66  ? 31  GLU A C    1 
ATOM   294 O O    . GLU A 1 32 ? 20.604  -11.360 -0.090 1.00 87.84  ? 31  GLU A O    1 
ATOM   295 C CB   . GLU A 1 32 ? 17.300  -11.637 -0.998 1.00 85.69  ? 31  GLU A CB   1 
ATOM   296 C CG   . GLU A 1 32 ? 17.789  -12.879 -1.765 1.00 95.12  ? 31  GLU A CG   1 
ATOM   297 C CD   . GLU A 1 32 ? 16.750  -13.973 -1.970 1.00 95.38  ? 31  GLU A CD   1 
ATOM   298 O OE1  . GLU A 1 32 ? 16.329  -14.569 -0.981 1.00 92.91  ? 31  GLU A OE1  1 
ATOM   299 O OE2  . GLU A 1 32 ? 16.376  -14.239 -3.111 1.00 85.09  ? 31  GLU A OE2  1 
ATOM   300 H H    . GLU A 1 32 ? 16.721  -9.612  0.338  1.00 0.00   ? 31  GLU A H    1 
ATOM   301 N N    . ILE A 1 33 ? 19.678  -9.740  -1.344 1.00 78.54  ? 32  ILE A N    1 
ATOM   302 C CA   . ILE A 1 33 ? 20.932  -9.370  -1.981 1.00 76.42  ? 32  ILE A CA   1 
ATOM   303 C C    . ILE A 1 33 ? 21.940  -8.734  -1.030 1.00 72.47  ? 32  ILE A C    1 
ATOM   304 O O    . ILE A 1 33 ? 23.104  -9.129  -1.085 1.00 75.45  ? 32  ILE A O    1 
ATOM   305 C CB   . ILE A 1 33 ? 20.595  -8.443  -3.173 1.00 73.40  ? 32  ILE A CB   1 
ATOM   306 C CG1  . ILE A 1 33 ? 19.952  -9.322  -4.229 1.00 68.08  ? 32  ILE A CG1  1 
ATOM   307 C CG2  . ILE A 1 33 ? 21.824  -7.739  -3.753 1.00 75.10  ? 32  ILE A CG2  1 
ATOM   308 C CD1  . ILE A 1 33 ? 19.205  -8.536  -5.311 1.00 76.46  ? 32  ILE A CD1  1 
ATOM   309 H H    . ILE A 1 33 ? 18.866  -9.237  -1.560 1.00 0.00   ? 32  ILE A H    1 
ATOM   310 N N    . ALA A 1 34 ? 21.609  -7.741  -0.197 1.00 74.30  ? 33  ALA A N    1 
ATOM   311 C CA   . ALA A 1 34 ? 22.574  -7.169  0.735  1.00 80.63  ? 33  ALA A CA   1 
ATOM   312 C C    . ALA A 1 34 ? 23.067  -8.264  1.673  1.00 85.57  ? 33  ALA A C    1 
ATOM   313 O O    . ALA A 1 34 ? 24.256  -8.401  1.968  1.00 93.04  ? 33  ALA A O    1 
ATOM   314 C CB   . ALA A 1 34 ? 21.944  -6.077  1.592  1.00 73.88  ? 33  ALA A CB   1 
ATOM   315 H H    . ALA A 1 34 ? 20.695  -7.388  -0.214 1.00 0.00   ? 33  ALA A H    1 
HETATM 316 N N    . NH2 A 1 35 ? 22.163  -9.112  2.127  1.00 92.12  ? 34  NH2 A N    1 
HETATM 317 H HN1  . NH2 A 1 35 ? 21.226  -9.020  1.857  1.00 0.00   ? 34  NH2 A HN1  1 
HETATM 318 H HN2  . NH2 A 1 35 ? 22.470  -9.820  2.730  1.00 0.00   ? 34  NH2 A HN2  1 
HETATM 319 C C1   . IPA B 2 .  ? -1.283  7.330   -1.526 1.00 86.51  ? 201 IPA A C1   1 
HETATM 320 C C2   . IPA B 2 .  ? -1.428  6.433   -0.318 1.00 89.84  ? 201 IPA A C2   1 
HETATM 321 C C3   . IPA B 2 .  ? -0.364  6.813   0.704  1.00 83.60  ? 201 IPA A C3   1 
HETATM 322 O O2   . IPA B 2 .  ? -2.737  6.544   0.240  1.00 87.08  ? 201 IPA A O2   1 
HETATM 323 H HO2  . IPA B 2 .  ? -3.112  5.667   0.351  1.00 80.00  ? 201 IPA A HO2  1 
HETATM 324 C C1   . IPA C 2 .  ? 7.335   1.257   3.431  1.00 78.17  ? 202 IPA A C1   1 
HETATM 325 C C2   . IPA C 2 .  ? 6.059   0.778   4.120  1.00 100.25 ? 202 IPA A C2   1 
HETATM 326 C C3   . IPA C 2 .  ? 4.849   1.690   3.838  1.00 92.49  ? 202 IPA A C3   1 
HETATM 327 O O2   . IPA C 2 .  ? 5.781   -0.602  3.867  1.00 94.91  ? 202 IPA A O2   1 
HETATM 328 H HO2  . IPA C 2 .  ? 5.491   -0.708  2.958  1.00 80.00  ? 202 IPA A HO2  1 
HETATM 329 C C1   . IPA D 2 .  ? -10.670 3.626   6.159  1.00 79.16  ? 203 IPA A C1   1 
HETATM 330 C C2   . IPA D 2 .  ? -10.058 4.967   6.537  1.00 92.50  ? 203 IPA A C2   1 
HETATM 331 C C3   . IPA D 2 .  ? -10.559 5.474   7.880  1.00 89.98  ? 203 IPA A C3   1 
HETATM 332 O O2   . IPA D 2 .  ? -8.636  4.931   6.496  1.00 90.61  ? 203 IPA A O2   1 
HETATM 333 H HO2  . IPA D 2 .  ? -8.311  5.669   5.976  1.00 80.00  ? 203 IPA A HO2  1 
HETATM 334 O O    . HOH E 3 .  ? -8.319  6.661   4.373  1.00 64.01  ? 101 HOH A O    1 
HETATM 335 H H1   . HOH E 3 .  ? -8.076  7.374   3.782  1.00 0.00   ? 101 HOH A H1   1 
HETATM 336 H H2   . HOH E 3 .  ? -7.860  6.859   5.189  1.00 0.00   ? 101 HOH A H2   1 
HETATM 337 O O    . HOH E 3 .  ? -7.897  9.851   2.933  1.00 81.93  ? 102 HOH A O    1 
HETATM 338 H H1   . HOH E 3 .  ? -8.161  10.204  2.083  1.00 0.00   ? 102 HOH A H1   1 
HETATM 339 H H2   . HOH E 3 .  ? -8.243  8.958   2.939  1.00 0.00   ? 102 HOH A H2   1 
HETATM 340 O O    . HOH E 3 .  ? 1.335   2.761   3.311  1.00 60.45  ? 103 HOH A O    1 
HETATM 341 H H1   . HOH E 3 .  ? 0.492   2.742   2.858  1.00 0.00   ? 103 HOH A H1   1 
HETATM 342 H H2   . HOH E 3 .  ? 1.346   3.604   3.763  1.00 0.00   ? 103 HOH A H2   1 
HETATM 343 O O    . HOH E 3 .  ? 3.701   -12.181 -1.823 1.00 69.09  ? 104 HOH A O    1 
HETATM 344 H H1   . HOH E 3 .  ? 4.624   -12.383 -1.975 1.00 0.00   ? 104 HOH A H1   1 
HETATM 345 H H2   . HOH E 3 .  ? 3.248   -13.015 -1.949 1.00 0.00   ? 104 HOH A H2   1 
HETATM 346 O O    . HOH E 3 .  ? -11.966 -1.070  2.499  1.00 77.12  ? 105 HOH A O    1 
HETATM 347 H H1   . HOH E 3 .  ? -12.183 -0.223  2.111  1.00 0.00   ? 105 HOH A H1   1 
HETATM 348 H H2   . HOH E 3 .  ? -11.012 -1.124  2.440  1.00 0.00   ? 105 HOH A H2   1 
HETATM 349 O O    . HOH E 3 .  ? -1.014  -0.502  5.552  1.00 99.82  ? 106 HOH A O    1 
HETATM 350 H H1   . HOH E 3 .  ? -0.927  -0.887  4.680  1.00 0.00   ? 106 HOH A H1   1 
HETATM 351 H H2   . HOH E 3 .  ? -0.892  0.437   5.412  1.00 0.00   ? 106 HOH A H2   1 
HETATM 352 O O    . HOH E 3 .  ? -13.247 1.987   14.097 1.00 95.90  ? 107 HOH A O    1 
HETATM 353 H H1   . HOH E 3 .  ? -13.649 1.128   14.221 1.00 0.00   ? 107 HOH A H1   1 
HETATM 354 H H2   . HOH E 3 .  ? -13.984 2.598   14.084 1.00 0.00   ? 107 HOH A H2   1 
HETATM 355 O O    . HOH E 3 .  ? 8.462   -2.389  5.047  1.00 79.76  ? 108 HOH A O    1 
HETATM 356 H H1   . HOH E 3 .  ? 7.872   -2.034  4.382  1.00 0.00   ? 108 HOH A H1   1 
HETATM 357 H H2   . HOH E 3 .  ? 8.112   -2.062  5.876  1.00 0.00   ? 108 HOH A H2   1 
# 
